data_7WSP
#
_entry.id   7WSP
#
_cell.length_a   1.00
_cell.length_b   1.00
_cell.length_c   1.00
_cell.angle_alpha   90.00
_cell.angle_beta   90.00
_cell.angle_gamma   90.00
#
_symmetry.space_group_name_H-M   'P 1'
#
loop_
_entity.id
_entity.type
_entity.pdbx_description
1 polymer 'B-cell antigen receptor complex-associated protein alpha chain'
2 polymer 'B-cell antigen receptor complex-associated protein beta chain'
3 polymer 'Isoform 2 of Immunoglobulin heavy constant mu'
4 polymer 'Isoform 2 of Immunoglobulin heavy constant mu'
#
loop_
_entity_poly.entity_id
_entity_poly.type
_entity_poly.pdbx_seq_one_letter_code
_entity_poly.pdbx_strand_id
1 'polypeptide(L)'
;LWMHKVPASLMVSLGEDAHFQCPHNSSNNANVTWWRVLHGNYTWPPEFLGPGEDPNGTLIIQNVNKSHGGIYVCRVQEGN
ESYQQSCGTYLRVRQPPPRPFLDMGEGTKNRIITAEGIILLFCAVVPGTLLLFRKRW
;
A
2 'polypeptide(L)'
;SRIWQSPRFIARKRGFTVKMHCYMNSASGNVSWLWKQEMDENPQQLKLEKGRMEESQNESLATLTIQGIRFEDNGIYFCQ
QKCNNTSEVYQGCGTELRVMGFSTLAQLKQRNTLKDGIIMIQTLLIILFIIVPIFLLLD
;
C
3 'polypeptide(L)'
;IAELPPKVSVFVPPRDGFFGNPRKSKLICQATGFSPRQIQVSWLREGKQVGSGVTTDQVQAEAKESGPTTYKVTSTLTIK
ESDWLGQSMFTCRVDHRGLTFQQNASSMCVPDQDTAIRVFAIPPSFASIFLTKSTKLTCLVTDLTTYDSVTISWTRQNGE
AVKTHTNISESHPNATFSAVGEASICEDDWNSGERFTCTVTHTDLPSPLKQTISRPKGVALHRPDVYLLPPAREQLNLRE
SATITCLVTGFSPADVFVQWMQRGQPLSPEKYVTSAPMPEPQAPGRYFAHSILTVSEEEWNTGETYTCVVAHEALPNRVT
ERTVDKSTEGEVSADEEGFENLWATASTFIVLFLLSLFYSTTVTLF
;
B
4 'polypeptide(L)'
;IAELPPKVSVFVPPRDGFFGNPRKSKLICQATGFSPRQIQVSWLREGKQVGSGVTTDQVQAEAKESGPTTYKVTSTLTIK
ESDWLGQSMFTCRVDHRGLTFQQNASSMCVPDQDTAIRVFAIPPSFASIFLTKSTKLTCLVTDLTTYDSVTISWTRQNGE
AVKTHTNISESHPNATFSAVGEASICEDDWNSGERFTCTVTHTDLPSPLKQTISRPKGVALHRPDVYLLPPAREQLNLRE
SATITCLVTGFSPADVFVQWMQRGQPLSPEKYVTSAPMPEPQAPGRYFAHSILTVSEEEWNTGETYTCVVAHEALPNRVT
ERTVDKSTEGEVSADEEGFENLWATASTFIVLFLLSLFYSTTVTLFK
;
D
#
# COMPACT_ATOMS: atom_id res chain seq x y z
N LEU A 1 32.58 -29.40 -0.96
CA LEU A 1 33.17 -30.24 0.09
C LEU A 1 32.10 -30.76 1.04
N TRP A 2 32.22 -30.41 2.31
CA TRP A 2 31.26 -30.85 3.32
C TRP A 2 29.96 -30.07 3.26
N MET A 3 29.87 -29.05 2.43
CA MET A 3 28.75 -28.11 2.37
C MET A 3 27.51 -28.70 1.79
N HIS A 4 27.39 -30.00 1.64
CA HIS A 4 26.14 -30.61 1.22
C HIS A 4 25.83 -31.86 2.03
N LYS A 5 26.62 -32.16 3.06
CA LYS A 5 26.49 -33.45 3.74
C LYS A 5 25.22 -33.54 4.56
N VAL A 6 24.71 -32.41 5.01
CA VAL A 6 23.47 -32.40 5.79
C VAL A 6 22.30 -32.77 4.88
N PRO A 7 21.37 -33.61 5.31
CA PRO A 7 20.32 -34.06 4.40
C PRO A 7 19.34 -32.95 4.05
N ALA A 8 18.59 -33.20 2.98
CA ALA A 8 17.79 -32.13 2.38
C ALA A 8 16.55 -31.83 3.21
N SER A 9 15.85 -32.85 3.70
CA SER A 9 14.64 -32.59 4.47
C SER A 9 14.56 -33.54 5.66
N LEU A 10 13.55 -33.30 6.50
CA LEU A 10 13.41 -34.02 7.75
C LEU A 10 11.95 -34.06 8.14
N MET A 11 11.53 -35.16 8.75
CA MET A 11 10.14 -35.39 9.11
C MET A 11 9.99 -35.37 10.63
N VAL A 12 9.26 -34.38 11.14
CA VAL A 12 9.02 -34.23 12.57
C VAL A 12 7.53 -34.02 12.79
N SER A 13 6.96 -34.78 13.72
CA SER A 13 5.56 -34.63 14.10
C SER A 13 5.43 -33.64 15.26
N LEU A 14 4.17 -33.34 15.61
CA LEU A 14 3.88 -32.33 16.62
C LEU A 14 4.40 -32.70 18.00
N GLY A 15 4.85 -31.69 18.73
CA GLY A 15 5.32 -31.83 20.10
C GLY A 15 6.65 -32.52 20.27
N GLU A 16 7.30 -32.93 19.20
CA GLU A 16 8.48 -33.79 19.30
C GLU A 16 9.70 -32.95 19.65
N ASP A 17 10.85 -33.61 19.82
CA ASP A 17 12.09 -32.96 20.19
C ASP A 17 13.15 -33.28 19.13
N ALA A 18 13.72 -32.23 18.55
CA ALA A 18 14.41 -32.31 17.28
C ALA A 18 15.90 -32.56 17.46
N HIS A 19 16.58 -32.74 16.33
CA HIS A 19 18.01 -32.98 16.27
C HIS A 19 18.55 -32.34 15.01
N PHE A 20 19.68 -31.64 15.13
CA PHE A 20 20.35 -31.09 13.96
C PHE A 20 21.86 -31.19 14.17
N GLN A 21 22.55 -31.70 13.16
CA GLN A 21 23.99 -31.85 13.19
C GLN A 21 24.60 -31.10 12.02
N CYS A 22 25.72 -30.44 12.28
CA CYS A 22 26.44 -29.68 11.25
C CYS A 22 27.87 -30.21 11.24
N PRO A 23 28.17 -31.15 10.36
CA PRO A 23 29.52 -31.75 10.32
C PRO A 23 30.56 -30.82 9.72
N HIS A 24 31.17 -30.00 10.57
CA HIS A 24 32.19 -29.04 10.18
C HIS A 24 33.45 -29.74 9.65
N ASN A 25 34.40 -28.92 9.21
CA ASN A 25 35.66 -29.41 8.71
C ASN A 25 36.86 -28.92 9.51
N SER A 26 36.75 -27.77 10.17
CA SER A 26 37.86 -27.18 10.90
C SER A 26 38.09 -27.91 12.22
N SER A 27 39.02 -27.39 13.02
CA SER A 27 39.53 -28.10 14.19
C SER A 27 38.89 -27.58 15.48
N ASN A 28 37.57 -27.76 15.59
CA ASN A 28 36.84 -27.85 16.86
C ASN A 28 36.88 -26.64 17.79
N ASN A 29 37.51 -25.54 17.37
CA ASN A 29 37.69 -24.38 18.23
C ASN A 29 36.84 -23.21 17.76
N ALA A 30 35.80 -23.48 16.99
CA ALA A 30 35.05 -22.46 16.28
C ALA A 30 33.87 -21.98 17.10
N ASN A 31 33.08 -21.09 16.51
CA ASN A 31 31.83 -20.60 17.07
C ASN A 31 30.70 -21.16 16.24
N VAL A 32 29.66 -21.65 16.92
CA VAL A 32 28.57 -22.38 16.29
C VAL A 32 27.28 -21.60 16.51
N THR A 33 26.66 -21.20 15.41
CA THR A 33 25.44 -20.39 15.40
C THR A 33 24.42 -21.03 14.47
N TRP A 34 23.14 -20.74 14.73
CA TRP A 34 22.05 -21.22 13.91
C TRP A 34 21.18 -20.05 13.45
N TRP A 35 20.74 -20.12 12.20
CA TRP A 35 20.05 -19.00 11.58
C TRP A 35 18.91 -19.57 10.75
N ARG A 36 17.88 -18.74 10.54
CA ARG A 36 16.62 -19.17 9.93
C ARG A 36 16.30 -18.24 8.78
N VAL A 37 16.17 -18.79 7.58
CA VAL A 37 16.11 -17.89 6.44
C VAL A 37 14.80 -18.04 5.69
N LEU A 38 14.69 -17.34 4.57
CA LEU A 38 13.49 -17.32 3.76
C LEU A 38 13.84 -17.97 2.41
N HIS A 39 12.88 -17.91 1.47
CA HIS A 39 12.87 -18.50 0.14
C HIS A 39 14.20 -18.48 -0.59
N GLY A 40 14.73 -17.30 -0.84
CA GLY A 40 15.93 -17.19 -1.63
C GLY A 40 15.99 -15.86 -2.37
N ASN A 41 17.20 -15.31 -2.48
CA ASN A 41 17.45 -13.90 -2.81
C ASN A 41 16.61 -13.02 -1.89
N TYR A 42 16.68 -13.36 -0.61
CA TYR A 42 15.83 -12.76 0.39
C TYR A 42 16.18 -11.30 0.57
N THR A 43 15.17 -10.52 0.97
CA THR A 43 15.37 -9.11 1.23
C THR A 43 15.14 -8.76 2.68
N TRP A 44 14.63 -9.65 3.46
CA TRP A 44 14.52 -9.35 4.85
C TRP A 44 15.58 -10.14 5.60
N PRO A 45 16.25 -9.53 6.58
CA PRO A 45 17.38 -10.21 7.23
C PRO A 45 16.91 -11.35 8.10
N PRO A 46 17.73 -12.41 8.25
CA PRO A 46 17.37 -13.52 9.14
C PRO A 46 17.62 -13.18 10.60
N GLU A 47 17.39 -14.15 11.48
CA GLU A 47 17.56 -13.89 12.89
C GLU A 47 18.29 -15.05 13.55
N PHE A 48 18.95 -14.76 14.66
CA PHE A 48 19.82 -15.70 15.35
C PHE A 48 18.98 -16.74 16.09
N LEU A 49 18.99 -17.97 15.59
CA LEU A 49 18.22 -19.03 16.24
C LEU A 49 18.82 -19.39 17.59
N GLY A 50 20.10 -19.71 17.61
CA GLY A 50 20.73 -20.10 18.84
C GLY A 50 22.17 -20.54 18.70
N PRO A 51 22.86 -20.62 19.84
CA PRO A 51 24.24 -21.12 19.84
C PRO A 51 24.27 -22.63 19.86
N GLY A 52 25.45 -23.20 20.03
CA GLY A 52 25.57 -24.63 20.14
C GLY A 52 25.04 -25.16 21.46
N GLU A 53 24.92 -26.48 21.53
CA GLU A 53 24.42 -27.20 22.69
C GLU A 53 25.48 -28.09 23.32
N ASP A 54 26.07 -28.96 22.53
CA ASP A 54 27.01 -29.98 22.96
C ASP A 54 28.27 -29.85 22.13
N PRO A 55 29.35 -30.56 22.49
CA PRO A 55 30.49 -30.65 21.57
C PRO A 55 30.20 -31.35 20.23
N ASN A 56 29.06 -32.01 20.08
CA ASN A 56 28.57 -32.40 18.76
C ASN A 56 28.00 -31.22 17.98
N GLY A 57 27.71 -30.10 18.64
CA GLY A 57 27.12 -28.96 17.98
C GLY A 57 25.69 -29.17 17.56
N THR A 58 24.97 -30.00 18.30
CA THR A 58 23.61 -30.38 17.94
C THR A 58 22.67 -29.20 18.19
N LEU A 59 21.52 -29.19 17.52
CA LEU A 59 20.46 -28.25 17.80
C LEU A 59 19.17 -29.03 18.05
N ILE A 60 18.51 -28.73 19.17
CA ILE A 60 17.34 -29.48 19.62
C ILE A 60 16.19 -28.52 19.86
N ILE A 61 15.08 -28.74 19.16
CA ILE A 61 13.86 -27.95 19.32
C ILE A 61 12.82 -28.78 20.03
N GLN A 62 12.31 -28.26 21.14
CA GLN A 62 11.26 -28.92 21.90
C GLN A 62 9.94 -28.18 21.72
N ASN A 63 8.86 -28.93 21.94
CA ASN A 63 7.47 -28.44 21.84
C ASN A 63 7.19 -27.87 20.45
N VAL A 64 7.20 -28.77 19.46
CA VAL A 64 6.93 -28.38 18.09
C VAL A 64 5.45 -28.09 17.93
N ASN A 65 5.12 -26.88 17.52
CA ASN A 65 3.76 -26.58 17.11
C ASN A 65 3.72 -26.46 15.58
N LYS A 66 2.58 -26.03 15.06
CA LYS A 66 2.37 -25.92 13.62
C LYS A 66 2.93 -24.62 13.05
N SER A 67 3.64 -23.83 13.86
CA SER A 67 4.26 -22.60 13.41
C SER A 67 5.78 -22.70 13.42
N HIS A 68 6.32 -23.90 13.25
CA HIS A 68 7.76 -24.09 13.31
C HIS A 68 8.33 -24.53 11.97
N GLY A 69 7.72 -24.08 10.88
CA GLY A 69 8.31 -24.31 9.57
C GLY A 69 9.45 -23.35 9.30
N GLY A 70 10.17 -23.61 8.22
CA GLY A 70 11.24 -22.71 7.83
C GLY A 70 12.62 -23.33 7.74
N ILE A 71 13.39 -22.83 6.79
CA ILE A 71 14.68 -23.41 6.47
C ILE A 71 15.70 -23.01 7.53
N TYR A 72 16.38 -24.00 8.09
CA TYR A 72 17.37 -23.83 9.14
C TYR A 72 18.77 -24.04 8.59
N VAL A 73 19.69 -23.14 8.93
CA VAL A 73 21.04 -23.14 8.38
C VAL A 73 22.03 -22.99 9.53
N CYS A 74 23.06 -23.83 9.54
CA CYS A 74 24.17 -23.68 10.49
C CYS A 74 25.22 -22.74 9.92
N ARG A 75 25.65 -21.80 10.75
CA ARG A 75 26.80 -20.95 10.45
C ARG A 75 27.83 -21.13 11.55
N VAL A 76 29.06 -21.41 11.15
CA VAL A 76 30.14 -21.73 12.07
C VAL A 76 31.40 -21.02 11.59
N GLN A 77 32.08 -20.31 12.48
CA GLN A 77 33.32 -19.62 12.11
C GLN A 77 34.31 -19.64 13.25
N GLU A 78 35.57 -19.94 12.94
CA GLU A 78 36.66 -19.97 13.92
C GLU A 78 37.53 -18.72 13.76
N GLY A 79 37.40 -17.79 14.70
CA GLY A 79 38.27 -16.62 14.71
C GLY A 79 37.98 -15.65 13.59
N ASN A 80 39.04 -15.04 13.06
CA ASN A 80 38.94 -14.08 11.98
C ASN A 80 39.01 -14.73 10.61
N GLU A 81 38.67 -16.01 10.52
CA GLU A 81 38.74 -16.76 9.28
C GLU A 81 37.47 -16.54 8.47
N SER A 82 37.26 -17.36 7.45
CA SER A 82 36.02 -17.30 6.71
C SER A 82 34.90 -17.99 7.49
N TYR A 83 33.67 -17.63 7.16
CA TYR A 83 32.50 -18.19 7.81
C TYR A 83 31.80 -19.14 6.84
N GLN A 84 31.24 -20.20 7.39
CA GLN A 84 30.66 -21.28 6.60
C GLN A 84 29.15 -21.21 6.63
N GLN A 85 28.53 -21.23 5.46
CA GLN A 85 27.08 -21.33 5.37
C GLN A 85 26.73 -22.62 4.65
N SER A 86 25.83 -23.40 5.26
CA SER A 86 25.42 -24.68 4.72
C SER A 86 24.38 -24.49 3.61
N CYS A 87 23.76 -25.58 3.18
CA CYS A 87 22.61 -25.46 2.30
C CYS A 87 21.31 -25.59 3.08
N GLY A 88 21.31 -26.36 4.15
CA GLY A 88 20.17 -26.29 5.04
C GLY A 88 19.14 -27.37 4.79
N THR A 89 18.50 -27.80 5.87
CA THR A 89 17.51 -28.86 5.84
C THR A 89 16.14 -28.27 6.03
N TYR A 90 15.25 -28.52 5.08
CA TYR A 90 13.89 -28.03 5.18
C TYR A 90 13.09 -28.90 6.14
N LEU A 91 12.09 -28.30 6.77
CA LEU A 91 11.29 -28.96 7.78
C LEU A 91 9.81 -28.79 7.46
N ARG A 92 9.02 -29.82 7.76
CA ARG A 92 7.57 -29.76 7.67
C ARG A 92 6.97 -30.44 8.89
N VAL A 93 6.06 -29.74 9.57
CA VAL A 93 5.48 -30.24 10.82
C VAL A 93 4.34 -31.17 10.45
N ARG A 94 4.58 -32.48 10.55
CA ARG A 94 3.67 -33.49 10.01
C ARG A 94 3.32 -34.43 11.13
N GLN A 95 2.32 -34.06 11.91
CA GLN A 95 1.85 -35.00 12.90
C GLN A 95 1.07 -36.18 12.33
N PRO A 96 -0.14 -35.98 11.77
CA PRO A 96 -1.26 -36.91 12.07
C PRO A 96 -1.02 -38.30 11.53
N PRO A 97 -0.79 -39.27 12.41
CA PRO A 97 -0.51 -40.62 11.95
C PRO A 97 -1.79 -41.42 11.86
N PRO A 98 -1.90 -42.33 10.89
CA PRO A 98 -3.01 -43.28 10.94
C PRO A 98 -2.78 -44.31 12.03
N ARG A 99 -3.88 -44.75 12.64
CA ARG A 99 -3.85 -45.90 13.53
C ARG A 99 -3.44 -47.08 12.67
N PRO A 100 -2.25 -47.63 12.88
CA PRO A 100 -1.61 -48.46 11.85
C PRO A 100 -2.23 -49.84 11.72
N PHE A 101 -2.56 -50.20 10.49
CA PHE A 101 -2.97 -51.56 10.15
C PHE A 101 -1.76 -52.34 9.66
N LEU A 102 -0.81 -52.52 10.59
CA LEU A 102 0.53 -52.97 10.26
C LEU A 102 0.55 -54.40 9.74
N ASP A 103 -0.37 -55.24 10.20
CA ASP A 103 -0.38 -56.62 9.76
C ASP A 103 -1.14 -56.81 8.45
N MET A 104 -0.84 -55.98 7.45
CA MET A 104 -0.72 -56.17 6.00
C MET A 104 -0.48 -54.80 5.41
N GLY A 105 -0.09 -54.78 4.13
CA GLY A 105 -0.21 -53.58 3.33
C GLY A 105 -1.46 -53.68 2.47
N GLU A 106 -2.07 -52.55 2.16
CA GLU A 106 -3.35 -52.65 1.45
C GLU A 106 -3.16 -53.00 -0.01
N GLY A 107 -1.96 -52.78 -0.55
CA GLY A 107 -1.62 -53.40 -1.81
C GLY A 107 -1.54 -54.90 -1.69
N THR A 108 -1.18 -55.40 -0.50
CA THR A 108 -1.21 -56.83 -0.27
C THR A 108 -2.56 -57.33 0.22
N LYS A 109 -3.41 -56.44 0.76
CA LYS A 109 -4.70 -56.89 1.28
C LYS A 109 -5.61 -57.35 0.15
N ASN A 110 -5.75 -56.54 -0.89
CA ASN A 110 -6.86 -56.81 -1.80
C ASN A 110 -6.48 -57.86 -2.84
N ARG A 111 -5.19 -58.09 -3.07
CA ARG A 111 -4.81 -59.27 -3.84
C ARG A 111 -5.12 -60.54 -3.07
N ILE A 112 -5.01 -60.51 -1.74
CA ILE A 112 -5.47 -61.60 -0.91
C ILE A 112 -6.98 -61.72 -1.00
N ILE A 113 -7.68 -60.60 -1.19
CA ILE A 113 -9.13 -60.68 -1.41
C ILE A 113 -9.44 -61.36 -2.74
N THR A 114 -8.66 -61.08 -3.79
CA THR A 114 -8.93 -61.71 -5.09
C THR A 114 -8.62 -63.21 -5.08
N ALA A 115 -7.44 -63.57 -4.57
CA ALA A 115 -7.07 -64.99 -4.51
C ALA A 115 -7.98 -65.75 -3.57
N GLU A 116 -8.46 -65.08 -2.52
CA GLU A 116 -9.49 -65.65 -1.66
C GLU A 116 -10.81 -65.83 -2.42
N GLY A 117 -11.08 -64.96 -3.40
CA GLY A 117 -12.23 -65.18 -4.26
C GLY A 117 -12.08 -66.42 -5.12
N ILE A 118 -10.88 -66.63 -5.67
CA ILE A 118 -10.62 -67.80 -6.51
C ILE A 118 -10.72 -69.08 -5.68
N ILE A 119 -10.05 -69.10 -4.53
CA ILE A 119 -10.04 -70.27 -3.66
C ILE A 119 -11.42 -70.54 -3.09
N LEU A 120 -12.20 -69.49 -2.84
CA LEU A 120 -13.53 -69.70 -2.29
C LEU A 120 -14.49 -70.22 -3.36
N LEU A 121 -14.31 -69.82 -4.62
CA LEU A 121 -15.16 -70.37 -5.66
C LEU A 121 -14.81 -71.82 -5.96
N PHE A 122 -13.51 -72.09 -6.17
CA PHE A 122 -13.07 -73.45 -6.50
C PHE A 122 -13.28 -74.41 -5.35
N CYS A 123 -13.20 -73.91 -4.11
CA CYS A 123 -13.63 -74.68 -2.96
C CYS A 123 -15.14 -74.83 -2.93
N ALA A 124 -15.86 -73.86 -3.50
CA ALA A 124 -17.32 -73.86 -3.41
C ALA A 124 -18.00 -74.74 -4.44
N VAL A 125 -17.30 -75.18 -5.48
CA VAL A 125 -17.97 -75.92 -6.56
C VAL A 125 -18.27 -77.36 -6.14
N VAL A 126 -17.22 -78.15 -5.86
CA VAL A 126 -17.31 -79.61 -5.88
C VAL A 126 -18.19 -80.35 -4.85
N PRO A 127 -18.48 -79.86 -3.63
CA PRO A 127 -19.41 -80.64 -2.79
C PRO A 127 -20.85 -80.63 -3.29
N GLY A 128 -21.28 -79.55 -3.96
CA GLY A 128 -22.58 -79.55 -4.58
C GLY A 128 -22.69 -80.53 -5.73
N THR A 129 -21.58 -80.80 -6.41
CA THR A 129 -21.54 -81.88 -7.39
C THR A 129 -21.61 -83.24 -6.70
N LEU A 130 -20.84 -83.40 -5.62
CA LEU A 130 -20.68 -84.72 -5.00
C LEU A 130 -21.95 -85.18 -4.29
N LEU A 131 -22.73 -84.25 -3.72
CA LEU A 131 -23.92 -84.64 -2.97
C LEU A 131 -25.03 -85.15 -3.87
N LEU A 132 -25.54 -84.32 -4.78
CA LEU A 132 -26.65 -84.74 -5.61
C LEU A 132 -26.21 -85.58 -6.80
N PHE A 133 -24.92 -85.61 -7.14
CA PHE A 133 -24.44 -86.54 -8.15
C PHE A 133 -23.87 -87.83 -7.57
N ARG A 134 -23.73 -87.91 -6.25
CA ARG A 134 -23.53 -89.17 -5.56
C ARG A 134 -24.80 -89.65 -4.87
N LYS A 135 -25.90 -88.89 -4.99
CA LYS A 135 -27.14 -89.21 -4.28
C LYS A 135 -28.00 -90.20 -5.04
N ARG A 136 -28.17 -89.98 -6.35
CA ARG A 136 -29.09 -90.78 -7.15
C ARG A 136 -28.58 -92.19 -7.39
N TRP A 137 -27.28 -92.41 -7.30
CA TRP A 137 -26.71 -93.75 -7.45
C TRP A 137 -26.97 -94.57 -6.19
N SER B 1 27.39 -19.34 -3.64
CA SER B 1 27.70 -17.93 -3.86
C SER B 1 27.68 -17.61 -5.34
N ARG B 2 28.13 -18.57 -6.14
CA ARG B 2 28.20 -18.39 -7.59
C ARG B 2 27.07 -19.09 -8.32
N ILE B 3 26.68 -20.27 -7.87
CA ILE B 3 25.57 -21.01 -8.43
C ILE B 3 24.44 -21.04 -7.42
N TRP B 4 23.22 -20.86 -7.90
CA TRP B 4 22.08 -20.50 -7.08
C TRP B 4 20.88 -21.25 -7.60
N GLN B 5 20.23 -22.06 -6.78
CA GLN B 5 19.05 -22.80 -7.21
C GLN B 5 17.87 -22.50 -6.32
N SER B 6 16.67 -22.80 -6.83
CA SER B 6 15.43 -22.60 -6.09
C SER B 6 14.31 -23.33 -6.82
N PRO B 7 13.26 -23.77 -6.12
CA PRO B 7 12.97 -23.79 -4.70
C PRO B 7 13.73 -24.87 -3.98
N ARG B 8 13.30 -25.26 -2.80
CA ARG B 8 14.10 -26.18 -2.01
C ARG B 8 13.40 -27.50 -1.74
N PHE B 9 12.10 -27.50 -1.53
CA PHE B 9 11.39 -28.73 -1.18
C PHE B 9 9.96 -28.62 -1.68
N ILE B 10 9.59 -29.45 -2.63
CA ILE B 10 8.31 -29.34 -3.31
C ILE B 10 7.41 -30.48 -2.86
N ALA B 11 6.11 -30.25 -2.89
CA ALA B 11 5.17 -31.31 -2.57
C ALA B 11 3.97 -31.19 -3.51
N ARG B 12 4.02 -31.90 -4.62
CA ARG B 12 2.94 -31.84 -5.59
C ARG B 12 2.13 -33.13 -5.59
N LYS B 13 0.87 -33.01 -5.98
CA LYS B 13 0.04 -34.18 -6.19
C LYS B 13 0.53 -34.95 -7.40
N ARG B 14 0.24 -36.23 -7.42
CA ARG B 14 0.51 -37.05 -8.59
C ARG B 14 -0.31 -36.59 -9.77
N GLY B 15 0.35 -36.12 -10.81
CA GLY B 15 -0.34 -35.74 -12.02
C GLY B 15 0.10 -34.42 -12.63
N PHE B 16 0.59 -33.51 -11.82
CA PHE B 16 0.87 -32.15 -12.28
C PHE B 16 2.30 -32.02 -12.77
N THR B 17 2.76 -30.78 -12.86
CA THR B 17 4.05 -30.41 -13.41
C THR B 17 4.86 -29.73 -12.31
N VAL B 18 6.19 -29.80 -12.40
CA VAL B 18 7.08 -28.97 -11.59
C VAL B 18 8.08 -28.31 -12.50
N LYS B 19 8.72 -27.27 -11.98
CA LYS B 19 9.76 -26.54 -12.69
C LYS B 19 10.86 -26.18 -11.70
N MET B 20 12.12 -26.18 -12.16
CA MET B 20 13.24 -25.86 -11.29
C MET B 20 14.18 -24.87 -11.98
N HIS B 21 14.79 -24.01 -11.18
CA HIS B 21 15.54 -22.88 -11.71
C HIS B 21 16.97 -22.87 -11.19
N CYS B 22 17.87 -22.41 -12.06
CA CYS B 22 19.31 -22.43 -11.77
C CYS B 22 19.90 -21.17 -12.38
N TYR B 23 20.40 -20.27 -11.53
CA TYR B 23 20.90 -18.96 -11.93
C TYR B 23 22.41 -18.91 -11.73
N MET B 24 23.15 -18.84 -12.83
CA MET B 24 24.54 -18.37 -12.77
C MET B 24 24.96 -17.86 -14.13
N ASN B 25 26.25 -17.54 -14.24
CA ASN B 25 26.79 -16.69 -15.28
C ASN B 25 26.76 -17.36 -16.66
N SER B 26 26.54 -16.53 -17.67
CA SER B 26 26.63 -16.95 -19.06
C SER B 26 28.02 -16.69 -19.62
N ALA B 27 29.04 -17.19 -18.92
CA ALA B 27 30.42 -16.92 -19.27
C ALA B 27 31.17 -18.16 -19.69
N SER B 28 31.24 -19.17 -18.84
CA SER B 28 32.05 -20.37 -19.10
C SER B 28 31.12 -21.56 -19.30
N GLY B 29 30.64 -21.74 -20.53
CA GLY B 29 30.01 -22.98 -20.93
C GLY B 29 28.61 -23.19 -20.40
N ASN B 30 28.15 -24.43 -20.54
CA ASN B 30 26.79 -24.82 -20.24
C ASN B 30 26.74 -25.60 -18.92
N VAL B 31 25.54 -26.07 -18.60
CA VAL B 31 25.24 -26.70 -17.33
C VAL B 31 24.76 -28.11 -17.62
N SER B 32 25.14 -29.06 -16.77
CA SER B 32 24.64 -30.42 -16.91
C SER B 32 23.93 -30.83 -15.64
N TRP B 33 22.83 -31.57 -15.77
CA TRP B 33 22.05 -31.94 -14.61
C TRP B 33 22.51 -33.28 -14.05
N LEU B 34 22.02 -33.60 -12.86
CA LEU B 34 22.32 -34.87 -12.20
C LEU B 34 21.04 -35.59 -11.81
N TRP B 35 21.18 -36.59 -10.94
CA TRP B 35 20.07 -37.28 -10.31
C TRP B 35 20.68 -38.04 -9.16
N LYS B 36 19.92 -38.20 -8.09
CA LYS B 36 20.43 -38.90 -6.92
C LYS B 36 19.23 -39.31 -6.10
N GLN B 37 19.02 -40.61 -5.97
CA GLN B 37 17.92 -41.09 -5.14
C GLN B 37 18.45 -41.22 -3.71
N GLU B 38 17.58 -41.63 -2.80
CA GLU B 38 17.86 -41.63 -1.37
C GLU B 38 18.99 -42.56 -0.97
N MET B 39 19.25 -43.61 -1.75
CA MET B 39 20.16 -44.67 -1.30
C MET B 39 21.62 -44.26 -1.39
N ASP B 40 22.04 -43.66 -2.51
CA ASP B 40 23.44 -43.37 -2.73
C ASP B 40 23.92 -42.22 -1.86
N GLU B 41 25.24 -42.03 -1.87
CA GLU B 41 25.88 -40.77 -1.55
C GLU B 41 26.84 -40.39 -2.66
N ASN B 42 26.52 -40.81 -3.89
CA ASN B 42 27.24 -40.48 -5.11
C ASN B 42 26.26 -40.38 -6.26
N PRO B 43 26.14 -39.22 -6.90
CA PRO B 43 25.11 -39.03 -7.92
C PRO B 43 25.38 -39.74 -9.22
N GLN B 44 24.52 -39.51 -10.21
CA GLN B 44 24.63 -40.17 -11.50
C GLN B 44 24.48 -39.16 -12.61
N GLN B 45 24.41 -39.64 -13.85
CA GLN B 45 24.11 -38.79 -14.99
C GLN B 45 22.65 -38.96 -15.39
N LEU B 46 21.97 -37.85 -15.59
CA LEU B 46 20.54 -37.85 -15.80
C LEU B 46 20.21 -38.18 -17.25
N LYS B 47 19.14 -38.94 -17.42
CA LYS B 47 18.53 -39.14 -18.72
C LYS B 47 17.49 -38.06 -18.97
N LEU B 48 17.35 -37.66 -20.22
CA LEU B 48 16.26 -36.77 -20.62
C LEU B 48 15.33 -37.58 -21.51
N GLU B 49 14.21 -38.00 -20.94
CA GLU B 49 13.19 -38.69 -21.69
C GLU B 49 12.55 -37.77 -22.71
N LYS B 50 12.38 -38.28 -23.93
CA LYS B 50 11.85 -37.48 -25.02
C LYS B 50 10.37 -37.22 -24.79
N GLY B 51 10.02 -35.94 -24.66
CA GLY B 51 8.64 -35.56 -24.38
C GLY B 51 8.38 -35.32 -22.91
N ARG B 52 8.67 -36.31 -22.07
CA ARG B 52 8.34 -36.18 -20.66
C ARG B 52 9.29 -35.24 -19.92
N MET B 53 10.53 -35.12 -20.39
CA MET B 53 11.49 -34.24 -19.76
C MET B 53 12.01 -33.24 -20.79
N GLU B 54 12.28 -32.03 -20.33
CA GLU B 54 12.68 -30.92 -21.20
C GLU B 54 13.68 -30.05 -20.49
N GLU B 55 14.27 -29.12 -21.24
CA GLU B 55 15.32 -28.25 -20.73
C GLU B 55 15.42 -27.03 -21.62
N SER B 56 15.66 -25.87 -21.02
CA SER B 56 15.90 -24.67 -21.79
C SER B 56 17.04 -23.87 -21.16
N GLN B 57 17.65 -23.01 -21.95
CA GLN B 57 18.77 -22.20 -21.49
C GLN B 57 18.63 -20.81 -22.10
N ASN B 58 18.03 -19.89 -21.34
CA ASN B 58 17.91 -18.49 -21.71
C ASN B 58 19.16 -17.71 -21.36
N GLU B 59 19.01 -16.38 -21.30
CA GLU B 59 20.14 -15.45 -21.28
C GLU B 59 21.09 -15.68 -20.11
N SER B 60 20.58 -15.54 -18.89
CA SER B 60 21.34 -15.89 -17.69
C SER B 60 20.54 -16.83 -16.83
N LEU B 61 19.95 -17.84 -17.49
CA LEU B 61 18.94 -18.66 -16.86
C LEU B 61 18.81 -19.97 -17.62
N ALA B 62 18.62 -21.07 -16.89
CA ALA B 62 18.38 -22.37 -17.48
C ALA B 62 17.43 -23.13 -16.58
N THR B 63 16.68 -24.06 -17.16
CA THR B 63 15.54 -24.65 -16.48
C THR B 63 15.32 -26.08 -16.93
N LEU B 64 15.27 -27.00 -15.96
CA LEU B 64 14.71 -28.32 -16.18
C LEU B 64 13.20 -28.27 -16.09
N THR B 65 12.53 -28.95 -17.01
CA THR B 65 11.09 -29.05 -17.00
C THR B 65 10.70 -30.52 -17.02
N ILE B 66 9.70 -30.89 -16.23
CA ILE B 66 9.25 -32.27 -16.12
C ILE B 66 7.74 -32.29 -16.15
N GLN B 67 7.15 -33.03 -17.07
CA GLN B 67 5.72 -33.27 -17.03
C GLN B 67 5.43 -34.67 -16.50
N GLY B 68 4.23 -34.85 -15.94
CA GLY B 68 3.66 -36.17 -15.74
C GLY B 68 4.41 -37.07 -14.79
N ILE B 69 4.33 -36.82 -13.51
CA ILE B 69 5.22 -37.45 -12.56
C ILE B 69 4.52 -38.62 -11.87
N ARG B 70 5.33 -39.53 -11.31
CA ARG B 70 4.83 -40.63 -10.50
C ARG B 70 5.94 -41.07 -9.57
N PHE B 71 5.66 -42.11 -8.77
CA PHE B 71 6.41 -42.39 -7.53
C PHE B 71 7.87 -42.77 -7.76
N GLU B 72 8.25 -43.16 -8.96
CA GLU B 72 9.66 -43.44 -9.24
C GLU B 72 10.47 -42.18 -9.56
N ASP B 73 10.02 -40.99 -9.14
CA ASP B 73 10.72 -39.74 -9.40
C ASP B 73 11.13 -39.03 -8.12
N ASN B 74 11.19 -39.73 -7.00
CA ASN B 74 11.57 -39.11 -5.73
C ASN B 74 13.05 -38.78 -5.68
N GLY B 75 13.49 -37.80 -6.47
CA GLY B 75 14.90 -37.49 -6.60
C GLY B 75 15.33 -36.22 -5.88
N ILE B 76 16.66 -36.09 -5.78
CA ILE B 76 17.31 -34.93 -5.17
C ILE B 76 18.29 -34.40 -6.20
N TYR B 77 18.00 -33.25 -6.78
CA TYR B 77 18.55 -32.91 -8.08
C TYR B 77 19.68 -31.90 -7.95
N PHE B 78 20.45 -31.76 -9.03
CA PHE B 78 21.63 -30.91 -9.04
C PHE B 78 21.89 -30.35 -10.43
N CYS B 79 22.01 -29.03 -10.55
CA CYS B 79 22.62 -28.43 -11.73
C CYS B 79 24.09 -28.21 -11.44
N GLN B 80 24.94 -28.64 -12.37
CA GLN B 80 26.38 -28.67 -12.15
C GLN B 80 27.08 -27.96 -13.29
N GLN B 81 28.08 -27.15 -12.93
CA GLN B 81 28.92 -26.47 -13.91
C GLN B 81 30.34 -26.40 -13.41
N LYS B 82 31.25 -27.06 -14.12
CA LYS B 82 32.68 -26.91 -13.90
C LYS B 82 33.20 -25.76 -14.75
N CYS B 83 34.11 -24.98 -14.17
CA CYS B 83 34.69 -23.83 -14.87
C CYS B 83 35.51 -24.26 -16.07
N ASN B 84 35.50 -23.41 -17.09
CA ASN B 84 36.27 -23.65 -18.31
C ASN B 84 37.50 -22.76 -18.42
N ASN B 85 37.69 -21.83 -17.50
CA ASN B 85 38.89 -21.01 -17.46
C ASN B 85 39.81 -21.34 -16.30
N THR B 86 39.28 -21.87 -15.20
CA THR B 86 40.07 -22.28 -14.05
C THR B 86 39.98 -23.77 -13.74
N SER B 87 39.07 -24.49 -14.40
CA SER B 87 38.85 -25.94 -14.24
C SER B 87 38.53 -26.30 -12.79
N GLU B 88 37.47 -25.69 -12.28
CA GLU B 88 37.00 -25.93 -10.93
C GLU B 88 35.54 -26.31 -10.97
N VAL B 89 35.19 -27.43 -10.34
CA VAL B 89 33.81 -27.90 -10.34
C VAL B 89 32.99 -27.05 -9.38
N TYR B 90 31.87 -26.53 -9.87
CA TYR B 90 30.95 -25.81 -9.01
C TYR B 90 29.56 -26.43 -9.10
N GLN B 91 28.90 -26.50 -7.95
CA GLN B 91 27.76 -27.37 -7.75
C GLN B 91 26.88 -26.75 -6.69
N GLY B 92 25.57 -26.74 -6.93
CA GLY B 92 24.65 -25.96 -6.13
C GLY B 92 24.25 -26.58 -4.80
N CYS B 93 22.96 -26.53 -4.47
CA CYS B 93 22.45 -27.16 -3.26
C CYS B 93 21.27 -28.06 -3.56
N GLY B 94 21.03 -28.40 -4.81
CA GLY B 94 20.06 -29.42 -5.15
C GLY B 94 18.64 -28.95 -5.00
N THR B 95 17.73 -29.87 -5.24
CA THR B 95 16.32 -29.69 -4.94
C THR B 95 15.82 -31.06 -4.49
N GLU B 96 14.59 -31.14 -4.01
CA GLU B 96 14.04 -32.43 -3.66
C GLU B 96 12.65 -32.53 -4.28
N LEU B 97 12.18 -33.74 -4.48
CA LEU B 97 10.81 -33.87 -4.97
C LEU B 97 10.17 -35.07 -4.31
N ARG B 98 8.92 -34.92 -3.87
CA ARG B 98 8.24 -36.03 -3.23
C ARG B 98 6.77 -35.94 -3.59
N VAL B 99 6.21 -36.99 -4.18
CA VAL B 99 4.99 -36.91 -4.95
C VAL B 99 3.84 -37.56 -4.18
N MET B 100 2.82 -36.76 -3.84
CA MET B 100 1.71 -37.15 -2.99
C MET B 100 0.64 -37.93 -3.76
N GLY B 101 -0.39 -38.39 -3.04
CA GLY B 101 -1.45 -39.17 -3.63
C GLY B 101 -2.81 -38.51 -3.46
N PHE B 102 -3.82 -39.11 -4.08
CA PHE B 102 -5.07 -38.38 -4.34
C PHE B 102 -5.92 -38.17 -3.10
N SER B 103 -6.09 -39.18 -2.27
CA SER B 103 -7.22 -39.21 -1.37
C SER B 103 -6.97 -38.34 -0.14
N THR B 104 -7.86 -38.44 0.85
CA THR B 104 -7.79 -37.64 2.05
C THR B 104 -8.00 -38.53 3.26
N LEU B 105 -7.99 -37.92 4.44
CA LEU B 105 -8.18 -38.66 5.68
C LEU B 105 -9.59 -39.21 5.83
N ALA B 106 -10.55 -38.63 5.12
CA ALA B 106 -11.93 -39.13 5.21
C ALA B 106 -12.06 -40.50 4.55
N GLN B 107 -11.75 -40.58 3.25
CA GLN B 107 -12.06 -41.79 2.51
C GLN B 107 -11.09 -42.93 2.82
N LEU B 108 -9.87 -42.59 3.25
CA LEU B 108 -8.84 -43.59 3.50
C LEU B 108 -9.19 -44.49 4.68
N LYS B 109 -9.65 -43.87 5.78
CA LYS B 109 -10.06 -44.61 6.96
C LYS B 109 -11.27 -45.49 6.68
N GLN B 110 -12.22 -44.97 5.90
CA GLN B 110 -13.44 -45.69 5.59
C GLN B 110 -13.17 -46.91 4.73
N ARG B 111 -12.32 -46.76 3.70
CA ARG B 111 -12.03 -47.89 2.86
C ARG B 111 -11.13 -48.91 3.56
N ASN B 112 -10.27 -48.45 4.49
CA ASN B 112 -9.41 -49.39 5.20
C ASN B 112 -10.20 -50.25 6.17
N THR B 113 -10.93 -49.61 7.08
CA THR B 113 -11.72 -50.37 8.06
C THR B 113 -12.84 -51.15 7.37
N LEU B 114 -13.40 -50.58 6.30
CA LEU B 114 -14.42 -51.26 5.53
C LEU B 114 -13.91 -52.55 4.92
N LYS B 115 -12.81 -52.47 4.17
CA LYS B 115 -12.33 -53.66 3.48
C LYS B 115 -11.66 -54.65 4.42
N ASP B 116 -11.18 -54.19 5.57
CA ASP B 116 -10.83 -55.12 6.64
C ASP B 116 -12.04 -55.90 7.13
N GLY B 117 -13.18 -55.22 7.28
CA GLY B 117 -14.40 -55.92 7.63
C GLY B 117 -14.83 -56.92 6.56
N ILE B 118 -14.63 -56.55 5.29
CA ILE B 118 -14.97 -57.43 4.17
C ILE B 118 -14.14 -58.70 4.21
N ILE B 119 -12.83 -58.56 4.45
CA ILE B 119 -11.99 -59.75 4.44
C ILE B 119 -12.23 -60.58 5.70
N MET B 120 -12.68 -59.95 6.80
CA MET B 120 -13.11 -60.73 7.96
C MET B 120 -14.34 -61.57 7.64
N ILE B 121 -15.30 -60.99 6.91
CA ILE B 121 -16.53 -61.70 6.56
C ILE B 121 -16.25 -62.86 5.62
N GLN B 122 -15.50 -62.61 4.55
CA GLN B 122 -15.28 -63.71 3.60
C GLN B 122 -14.31 -64.75 4.13
N THR B 123 -13.41 -64.39 5.06
CA THR B 123 -12.69 -65.44 5.76
C THR B 123 -13.62 -66.26 6.63
N LEU B 124 -14.68 -65.65 7.19
CA LEU B 124 -15.70 -66.46 7.87
C LEU B 124 -16.47 -67.33 6.89
N LEU B 125 -16.58 -66.91 5.62
CA LEU B 125 -17.14 -67.81 4.61
C LEU B 125 -16.20 -68.98 4.33
N ILE B 126 -14.90 -68.76 4.43
CA ILE B 126 -13.97 -69.90 4.37
C ILE B 126 -14.15 -70.79 5.61
N ILE B 127 -14.48 -70.20 6.75
CA ILE B 127 -14.77 -71.01 7.95
C ILE B 127 -16.00 -71.87 7.73
N LEU B 128 -17.03 -71.33 7.05
CA LEU B 128 -18.20 -72.12 6.72
C LEU B 128 -17.87 -73.22 5.73
N PHE B 129 -17.06 -72.91 4.72
CA PHE B 129 -16.62 -73.93 3.78
C PHE B 129 -15.36 -74.67 4.21
N ILE B 130 -15.06 -74.70 5.51
CA ILE B 130 -13.98 -75.56 5.99
C ILE B 130 -14.54 -76.35 7.16
N ILE B 131 -15.71 -75.97 7.64
CA ILE B 131 -16.41 -76.73 8.68
C ILE B 131 -17.55 -77.56 8.10
N VAL B 132 -18.38 -76.94 7.26
CA VAL B 132 -19.56 -77.63 6.74
C VAL B 132 -19.24 -78.79 5.79
N PRO B 133 -18.37 -78.64 4.76
CA PRO B 133 -18.19 -79.79 3.84
C PRO B 133 -17.45 -80.98 4.45
N ILE B 134 -16.53 -80.74 5.39
CA ILE B 134 -15.79 -81.86 5.98
C ILE B 134 -16.66 -82.62 6.97
N PHE B 135 -17.39 -81.91 7.83
CA PHE B 135 -18.27 -82.57 8.80
C PHE B 135 -19.47 -83.21 8.11
N LEU B 136 -19.98 -82.58 7.05
CA LEU B 136 -21.16 -83.12 6.39
C LEU B 136 -20.78 -84.30 5.48
N LEU B 137 -19.74 -84.13 4.66
CA LEU B 137 -19.33 -85.21 3.76
C LEU B 137 -18.65 -86.36 4.51
N LEU B 138 -18.11 -86.10 5.69
CA LEU B 138 -17.62 -87.16 6.57
C LEU B 138 -18.72 -87.68 7.49
N ASP B 139 -19.94 -87.15 7.37
CA ASP B 139 -21.13 -87.55 8.14
C ASP B 139 -20.92 -87.51 9.65
N ILE C 1 34.05 57.74 -15.65
CA ILE C 1 32.84 57.69 -14.86
C ILE C 1 31.84 56.73 -15.51
N ALA C 2 31.59 55.60 -14.84
CA ALA C 2 30.68 54.60 -15.37
C ALA C 2 29.24 55.02 -15.17
N GLU C 3 28.35 54.49 -16.02
CA GLU C 3 26.91 54.76 -15.92
C GLU C 3 26.27 53.62 -15.13
N LEU C 4 26.37 53.71 -13.81
CA LEU C 4 25.87 52.68 -12.91
C LEU C 4 24.41 52.97 -12.59
N PRO C 5 23.48 52.07 -12.90
CA PRO C 5 22.07 52.30 -12.55
C PRO C 5 21.82 52.00 -11.09
N PRO C 6 20.86 52.70 -10.46
CA PRO C 6 20.56 52.44 -9.04
C PRO C 6 19.60 51.29 -8.84
N LYS C 7 19.16 51.10 -7.60
CA LYS C 7 18.12 50.14 -7.25
C LYS C 7 16.87 50.96 -6.90
N VAL C 8 16.01 51.17 -7.90
CA VAL C 8 14.76 51.89 -7.69
C VAL C 8 13.78 50.96 -6.99
N SER C 9 13.30 51.37 -5.82
CA SER C 9 12.34 50.58 -5.05
C SER C 9 11.59 51.52 -4.12
N VAL C 10 10.27 51.57 -4.28
CA VAL C 10 9.43 52.41 -3.42
C VAL C 10 9.34 51.72 -2.06
N PHE C 11 10.03 52.27 -1.07
CA PHE C 11 9.86 51.80 0.30
C PHE C 11 8.52 52.26 0.82
N VAL C 12 7.51 51.42 0.66
CA VAL C 12 6.11 51.79 0.86
C VAL C 12 5.82 51.98 2.34
N PRO C 13 4.89 52.85 2.70
CA PRO C 13 4.53 53.02 4.11
C PRO C 13 3.51 51.98 4.54
N PRO C 14 3.42 51.70 5.83
CA PRO C 14 2.33 50.86 6.34
C PRO C 14 1.04 51.66 6.41
N ARG C 15 -0.07 50.93 6.53
CA ARG C 15 -1.39 51.55 6.50
C ARG C 15 -1.81 52.13 7.84
N ASP C 16 -1.04 51.91 8.90
CA ASP C 16 -1.45 52.37 10.22
C ASP C 16 -0.83 53.70 10.62
N GLY C 17 0.44 53.93 10.27
CA GLY C 17 1.13 55.13 10.73
C GLY C 17 0.85 56.35 9.87
N PHE C 18 -0.34 56.93 10.02
CA PHE C 18 -0.76 58.10 9.26
C PHE C 18 -1.00 59.26 10.21
N PHE C 19 -0.61 60.46 9.79
CA PHE C 19 -0.76 61.67 10.59
C PHE C 19 -1.51 62.74 9.81
N GLY C 20 -2.15 63.63 10.55
CA GLY C 20 -2.82 64.78 9.96
C GLY C 20 -4.32 64.60 9.87
N ASN C 21 -4.99 65.69 9.53
CA ASN C 21 -6.44 65.72 9.31
C ASN C 21 -6.69 66.43 7.99
N PRO C 22 -6.87 65.70 6.88
CA PRO C 22 -6.93 64.23 6.71
C PRO C 22 -5.56 63.54 6.83
N ARG C 23 -5.59 62.24 7.07
CA ARG C 23 -4.40 61.51 7.46
C ARG C 23 -3.45 61.37 6.27
N LYS C 24 -2.20 61.76 6.47
CA LYS C 24 -1.24 61.91 5.39
C LYS C 24 -0.15 60.86 5.49
N SER C 25 0.62 60.75 4.41
CA SER C 25 1.65 59.72 4.33
C SER C 25 2.70 60.15 3.31
N LYS C 26 3.92 59.68 3.52
CA LYS C 26 5.02 59.94 2.60
C LYS C 26 5.31 58.72 1.75
N LEU C 27 5.73 58.96 0.52
CA LEU C 27 6.21 57.93 -0.38
C LEU C 27 7.69 58.16 -0.61
N ILE C 28 8.53 57.30 -0.04
CA ILE C 28 9.97 57.40 -0.22
C ILE C 28 10.41 56.36 -1.24
N CYS C 29 10.92 56.84 -2.37
CA CYS C 29 11.46 56.00 -3.43
C CYS C 29 12.96 56.21 -3.43
N GLN C 30 13.66 55.46 -2.57
CA GLN C 30 15.08 55.66 -2.35
C GLN C 30 15.87 54.74 -3.27
N ALA C 31 16.46 55.33 -4.31
CA ALA C 31 17.36 54.63 -5.21
C ALA C 31 18.76 55.18 -5.00
N THR C 32 19.67 54.34 -4.51
CA THR C 32 21.03 54.76 -4.21
C THR C 32 22.00 53.89 -5.00
N GLY C 33 23.29 54.19 -4.86
CA GLY C 33 24.33 53.42 -5.52
C GLY C 33 24.38 53.61 -7.02
N PHE C 34 24.45 54.86 -7.46
CA PHE C 34 24.44 55.16 -8.88
C PHE C 34 25.47 56.24 -9.22
N SER C 35 26.19 56.03 -10.31
CA SER C 35 27.05 57.02 -10.92
C SER C 35 26.70 57.08 -12.40
N PRO C 36 26.75 58.27 -13.03
CA PRO C 36 26.97 59.60 -12.46
C PRO C 36 25.72 60.22 -11.86
N ARG C 37 25.72 61.56 -11.76
CA ARG C 37 24.70 62.27 -10.99
C ARG C 37 23.34 62.29 -11.69
N GLN C 38 23.32 62.20 -13.02
CA GLN C 38 22.13 62.51 -13.81
C GLN C 38 21.01 61.48 -13.57
N ILE C 39 19.91 61.96 -13.01
CA ILE C 39 18.76 61.13 -12.66
C ILE C 39 17.53 62.02 -12.66
N GLN C 40 16.39 61.48 -13.06
CA GLN C 40 15.13 62.21 -13.08
C GLN C 40 14.07 61.34 -12.41
N VAL C 41 13.87 61.53 -11.11
CA VAL C 41 12.87 60.80 -10.35
C VAL C 41 11.57 61.58 -10.48
N SER C 42 10.73 61.18 -11.43
CA SER C 42 9.48 61.87 -11.71
C SER C 42 8.32 61.04 -11.15
N TRP C 43 7.64 61.60 -10.16
CA TRP C 43 6.49 60.93 -9.56
C TRP C 43 5.30 60.96 -10.52
N LEU C 44 4.78 59.79 -10.85
CA LEU C 44 3.59 59.66 -11.69
C LEU C 44 2.48 59.05 -10.85
N ARG C 45 1.39 59.79 -10.67
CA ARG C 45 0.19 59.24 -10.03
C ARG C 45 -0.77 58.81 -11.13
N GLU C 46 -0.91 57.50 -11.32
CA GLU C 46 -1.69 56.86 -12.39
C GLU C 46 -1.21 57.39 -13.76
N GLY C 47 0.11 57.43 -13.91
CA GLY C 47 0.73 57.96 -15.11
C GLY C 47 0.80 59.48 -15.20
N LYS C 48 0.14 60.20 -14.29
CA LYS C 48 0.09 61.66 -14.33
C LYS C 48 1.13 62.23 -13.39
N GLN C 49 1.92 63.19 -13.89
CA GLN C 49 3.04 63.74 -13.13
C GLN C 49 2.54 64.53 -11.93
N VAL C 50 3.09 64.21 -10.76
CA VAL C 50 2.64 64.81 -9.52
C VAL C 50 3.38 66.13 -9.32
N GLY C 51 2.68 67.13 -8.81
CA GLY C 51 3.31 68.39 -8.45
C GLY C 51 3.21 68.68 -6.97
N SER C 52 2.19 68.10 -6.33
CA SER C 52 1.92 68.34 -4.92
C SER C 52 2.67 67.31 -4.07
N GLY C 53 3.50 67.80 -3.14
CA GLY C 53 4.21 66.93 -2.24
C GLY C 53 5.47 66.30 -2.79
N VAL C 54 5.85 66.63 -4.03
CA VAL C 54 7.08 66.07 -4.62
C VAL C 54 8.27 66.75 -3.95
N THR C 55 9.01 66.01 -3.14
CA THR C 55 10.21 66.51 -2.49
C THR C 55 11.38 65.72 -3.06
N THR C 56 11.96 66.24 -4.13
CA THR C 56 13.14 65.65 -4.75
C THR C 56 14.37 66.25 -4.07
N ASP C 57 14.99 65.48 -3.17
CA ASP C 57 16.08 65.99 -2.36
C ASP C 57 17.37 66.06 -3.18
N GLN C 58 18.45 66.47 -2.51
CA GLN C 58 19.73 66.69 -3.15
C GLN C 58 20.37 65.35 -3.56
N VAL C 59 20.97 65.34 -4.75
CA VAL C 59 21.67 64.14 -5.20
C VAL C 59 23.02 64.15 -4.52
N GLN C 60 23.10 63.52 -3.34
CA GLN C 60 24.31 63.58 -2.53
C GLN C 60 25.37 62.66 -3.09
N ALA C 61 26.62 63.11 -3.03
CA ALA C 61 27.74 62.36 -3.58
C ALA C 61 28.11 61.22 -2.64
N GLU C 62 27.85 59.99 -3.05
CA GLU C 62 28.35 58.83 -2.33
C GLU C 62 29.85 58.74 -2.54
N ALA C 63 30.61 59.11 -1.52
CA ALA C 63 32.07 59.03 -1.57
C ALA C 63 32.50 57.60 -1.23
N LYS C 64 32.26 56.70 -2.16
CA LYS C 64 32.63 55.30 -1.97
C LYS C 64 34.13 55.10 -2.17
N GLU C 65 34.66 54.12 -1.46
CA GLU C 65 36.11 53.90 -1.43
C GLU C 65 36.59 53.24 -2.72
N SER C 66 35.85 52.25 -3.22
CA SER C 66 36.19 51.54 -4.44
C SER C 66 35.26 51.97 -5.57
N GLY C 67 35.75 51.80 -6.79
CA GLY C 67 34.99 52.17 -7.97
C GLY C 67 34.87 53.67 -8.13
N PRO C 68 33.94 54.12 -8.97
CA PRO C 68 33.74 55.56 -9.15
C PRO C 68 32.95 56.15 -7.98
N THR C 69 33.05 57.46 -7.85
CA THR C 69 32.28 58.20 -6.85
C THR C 69 30.82 58.21 -7.28
N THR C 70 30.01 57.35 -6.67
CA THR C 70 28.61 57.24 -7.04
C THR C 70 27.81 58.31 -6.30
N TYR C 71 26.49 58.25 -6.41
CA TYR C 71 25.63 59.28 -5.88
C TYR C 71 24.41 58.64 -5.22
N LYS C 72 23.74 59.41 -4.38
CA LYS C 72 22.50 58.96 -3.76
C LYS C 72 21.49 60.09 -3.72
N VAL C 73 20.22 59.73 -3.88
CA VAL C 73 19.10 60.66 -3.80
C VAL C 73 17.97 59.93 -3.09
N THR C 74 17.16 60.69 -2.36
CA THR C 74 16.02 60.14 -1.62
C THR C 74 14.82 61.05 -1.89
N SER C 75 14.04 60.69 -2.89
CA SER C 75 12.84 61.45 -3.19
C SER C 75 11.76 61.18 -2.15
N THR C 76 10.79 62.09 -2.08
CA THR C 76 9.74 62.00 -1.09
C THR C 76 8.45 62.54 -1.68
N LEU C 77 7.40 61.74 -1.67
CA LEU C 77 6.09 62.18 -2.14
C LEU C 77 5.11 62.13 -0.98
N THR C 78 4.74 63.29 -0.46
CA THR C 78 3.75 63.40 0.60
C THR C 78 2.36 63.22 0.00
N ILE C 79 1.66 62.16 0.41
CA ILE C 79 0.30 61.91 -0.05
C ILE C 79 -0.60 61.83 1.18
N LYS C 80 -1.86 61.49 0.96
CA LYS C 80 -2.84 61.35 2.04
C LYS C 80 -3.32 59.91 2.09
N GLU C 81 -4.09 59.60 3.14
CA GLU C 81 -4.76 58.30 3.18
C GLU C 81 -5.88 58.26 2.14
N SER C 82 -6.47 59.41 1.82
CA SER C 82 -7.35 59.51 0.67
C SER C 82 -6.60 59.33 -0.65
N ASP C 83 -5.28 59.48 -0.64
CA ASP C 83 -4.45 59.15 -1.79
C ASP C 83 -3.86 57.75 -1.67
N TRP C 84 -3.41 57.37 -0.47
CA TRP C 84 -2.83 56.04 -0.28
C TRP C 84 -3.88 54.95 -0.40
N LEU C 85 -5.08 55.19 0.13
CA LEU C 85 -6.19 54.30 -0.17
C LEU C 85 -7.07 54.80 -1.31
N GLY C 86 -6.56 55.74 -2.11
CA GLY C 86 -7.28 56.20 -3.28
C GLY C 86 -7.18 55.30 -4.49
N GLN C 87 -6.39 54.22 -4.39
CA GLN C 87 -6.21 53.21 -5.43
C GLN C 87 -5.68 53.82 -6.73
N SER C 88 -4.57 54.54 -6.60
CA SER C 88 -3.89 55.14 -7.75
C SER C 88 -2.51 54.53 -7.91
N MET C 89 -2.01 54.56 -9.14
CA MET C 89 -0.70 53.98 -9.46
C MET C 89 0.36 55.04 -9.29
N PHE C 90 0.99 55.06 -8.12
CA PHE C 90 2.01 56.04 -7.76
C PHE C 90 3.36 55.62 -8.34
N THR C 91 3.47 55.73 -9.66
CA THR C 91 4.64 55.24 -10.39
C THR C 91 5.83 56.14 -10.12
N CYS C 92 6.86 55.60 -9.46
CA CYS C 92 8.13 56.29 -9.28
C CYS C 92 8.94 56.12 -10.56
N ARG C 93 8.58 56.91 -11.57
CA ARG C 93 9.28 56.91 -12.84
C ARG C 93 10.65 57.57 -12.66
N VAL C 94 11.70 56.77 -12.73
CA VAL C 94 13.07 57.25 -12.58
C VAL C 94 13.71 57.24 -13.95
N ASP C 95 14.00 58.42 -14.49
CA ASP C 95 14.64 58.53 -15.79
C ASP C 95 16.15 58.74 -15.59
N HIS C 96 16.76 57.73 -14.97
CA HIS C 96 18.18 57.75 -14.63
C HIS C 96 19.01 57.51 -15.88
N ARG C 97 19.81 58.51 -16.27
CA ARG C 97 20.69 58.48 -17.46
C ARG C 97 19.90 58.18 -18.73
N GLY C 98 18.70 58.74 -18.83
CA GLY C 98 17.84 58.48 -19.96
C GLY C 98 17.18 57.11 -19.97
N LEU C 99 17.34 56.33 -18.90
CA LEU C 99 16.76 55.00 -18.81
C LEU C 99 15.55 55.08 -17.88
N THR C 100 14.35 54.95 -18.45
CA THR C 100 13.12 55.09 -17.68
C THR C 100 12.90 53.88 -16.80
N PHE C 101 12.84 54.11 -15.49
CA PHE C 101 12.61 53.06 -14.51
C PHE C 101 11.20 53.27 -13.95
N GLN C 102 10.21 52.72 -14.65
CA GLN C 102 8.82 52.78 -14.18
C GLN C 102 8.66 51.77 -13.05
N GLN C 103 8.82 52.24 -11.82
CA GLN C 103 8.60 51.39 -10.66
C GLN C 103 7.09 51.23 -10.48
N ASN C 104 6.61 49.99 -10.64
CA ASN C 104 5.19 49.70 -10.50
C ASN C 104 4.78 49.89 -9.04
N ALA C 105 3.55 50.33 -8.80
CA ALA C 105 3.14 50.74 -7.48
C ALA C 105 1.85 50.05 -7.08
N SER C 106 1.51 50.21 -5.81
CA SER C 106 0.29 49.68 -5.22
C SER C 106 -0.23 50.70 -4.22
N SER C 107 -1.54 50.68 -4.00
CA SER C 107 -2.18 51.68 -3.16
C SER C 107 -3.13 51.03 -2.17
N MET C 108 -2.62 50.01 -1.46
CA MET C 108 -3.25 49.39 -0.29
C MET C 108 -2.20 48.53 0.41
N CYS C 109 -2.59 47.84 1.47
CA CYS C 109 -1.84 46.67 1.93
C CYS C 109 -2.00 45.60 0.86
N VAL C 110 -0.89 44.94 0.52
CA VAL C 110 -0.91 43.91 -0.51
C VAL C 110 -0.66 42.56 0.14
N PRO C 111 -1.69 41.77 0.39
CA PRO C 111 -1.48 40.34 0.62
C PRO C 111 -1.28 39.66 -0.72
N ASP C 112 -0.82 38.42 -0.74
CA ASP C 112 -0.57 37.73 -2.00
C ASP C 112 -1.39 36.44 -2.00
N GLN C 113 -2.31 36.33 -2.96
CA GLN C 113 -3.11 37.46 -3.40
C GLN C 113 -4.52 37.04 -3.04
N ASP C 114 -4.92 35.91 -3.64
CA ASP C 114 -5.89 34.98 -3.05
C ASP C 114 -5.72 33.59 -3.68
N THR C 115 -4.91 32.72 -3.04
CA THR C 115 -4.63 31.36 -3.48
C THR C 115 -3.87 30.61 -2.38
N ALA C 116 -4.29 29.39 -2.05
CA ALA C 116 -3.50 28.48 -1.24
C ALA C 116 -3.74 27.06 -1.77
N ILE C 117 -2.71 26.21 -1.74
CA ILE C 117 -2.81 25.06 -2.64
C ILE C 117 -2.92 23.70 -1.96
N ARG C 118 -1.84 23.16 -1.37
CA ARG C 118 -1.73 21.81 -0.79
C ARG C 118 -0.35 21.65 -0.15
N VAL C 119 -0.27 20.68 0.77
CA VAL C 119 0.96 20.23 1.41
C VAL C 119 0.68 18.88 2.06
N PHE C 120 1.63 17.96 1.96
CA PHE C 120 1.54 16.67 2.61
C PHE C 120 2.56 16.58 3.74
N ALA C 121 2.48 15.50 4.52
CA ALA C 121 3.45 15.24 5.58
C ALA C 121 3.49 13.74 5.83
N ILE C 122 4.46 13.06 5.24
CA ILE C 122 4.55 11.61 5.29
C ILE C 122 5.29 11.22 6.57
N PRO C 123 4.67 10.50 7.50
CA PRO C 123 5.42 9.98 8.61
C PRO C 123 6.28 8.82 8.17
N PRO C 124 7.38 8.56 8.86
CA PRO C 124 8.22 7.41 8.49
C PRO C 124 7.55 6.12 8.95
N SER C 125 7.54 5.13 8.06
CA SER C 125 6.90 3.87 8.43
C SER C 125 7.82 3.03 9.30
N PHE C 126 7.24 2.00 9.92
CA PHE C 126 8.02 1.08 10.72
C PHE C 126 8.97 0.25 9.87
N ALA C 127 8.51 -0.21 8.71
CA ALA C 127 9.38 -0.98 7.86
C ALA C 127 10.47 -0.15 7.19
N SER C 128 10.40 1.18 7.26
CA SER C 128 11.49 2.03 6.82
C SER C 128 12.40 2.44 7.98
N ILE C 129 12.48 1.60 9.00
CA ILE C 129 13.42 1.77 10.10
C ILE C 129 14.32 0.55 10.24
N PHE C 130 13.72 -0.63 10.34
CA PHE C 130 14.45 -1.87 10.58
C PHE C 130 15.10 -2.41 9.31
N LEU C 131 14.91 -1.73 8.18
CA LEU C 131 15.68 -2.03 6.98
C LEU C 131 17.01 -1.29 6.97
N THR C 132 16.98 0.04 7.14
CA THR C 132 18.14 0.87 6.85
C THR C 132 18.73 1.56 8.06
N LYS C 133 18.04 1.56 9.22
CA LYS C 133 18.44 2.27 10.44
C LYS C 133 18.65 3.75 10.15
N SER C 134 17.69 4.32 9.43
CA SER C 134 17.84 5.61 8.77
C SER C 134 16.56 6.43 9.00
N THR C 135 16.20 6.65 10.27
CA THR C 135 14.87 7.13 10.63
C THR C 135 14.65 8.57 10.17
N LYS C 136 14.31 8.69 8.89
CA LYS C 136 14.03 9.98 8.27
C LYS C 136 12.71 10.53 8.79
N LEU C 137 12.43 11.79 8.42
CA LEU C 137 11.07 12.29 8.34
C LEU C 137 11.06 13.42 7.33
N THR C 138 10.04 13.44 6.48
CA THR C 138 9.94 14.37 5.38
C THR C 138 8.69 15.21 5.55
N CYS C 139 8.54 16.23 4.70
CA CYS C 139 7.20 16.72 4.39
C CYS C 139 7.22 17.26 2.96
N LEU C 140 6.47 16.60 2.09
CA LEU C 140 6.35 16.98 0.70
C LEU C 140 5.45 18.20 0.56
N VAL C 141 6.01 19.32 0.20
CA VAL C 141 5.20 20.40 -0.35
C VAL C 141 5.20 20.21 -1.86
N THR C 142 4.06 20.48 -2.50
CA THR C 142 3.92 20.16 -3.91
C THR C 142 2.88 21.08 -4.53
N ASP C 143 2.59 20.82 -5.82
CA ASP C 143 1.57 21.49 -6.62
C ASP C 143 1.85 22.99 -6.75
N LEU C 144 2.99 23.28 -7.37
CA LEU C 144 3.46 24.63 -7.58
C LEU C 144 4.37 24.61 -8.79
N THR C 145 5.16 25.65 -8.98
CA THR C 145 6.30 25.64 -9.87
C THR C 145 7.58 25.77 -9.04
N THR C 146 8.64 25.08 -9.47
CA THR C 146 9.92 25.16 -8.76
C THR C 146 10.51 26.54 -8.94
N TYR C 147 10.32 27.38 -7.93
CA TYR C 147 10.86 28.72 -7.90
C TYR C 147 11.87 28.84 -6.76
N ASP C 148 12.35 30.06 -6.55
CA ASP C 148 13.18 30.36 -5.41
C ASP C 148 12.30 30.83 -4.26
N SER C 149 12.93 31.33 -3.20
CA SER C 149 12.29 31.85 -1.99
C SER C 149 11.40 30.83 -1.30
N VAL C 150 11.69 29.55 -1.47
CA VAL C 150 11.08 28.51 -0.67
C VAL C 150 11.98 28.27 0.52
N THR C 151 11.36 27.85 1.62
CA THR C 151 12.08 27.52 2.84
C THR C 151 11.22 26.53 3.60
N ILE C 152 11.78 25.38 3.89
CA ILE C 152 11.06 24.32 4.59
C ILE C 152 11.86 24.03 5.85
N SER C 153 11.52 24.70 6.92
CA SER C 153 12.16 24.44 8.20
C SER C 153 11.41 23.32 8.89
N TRP C 154 11.78 23.05 10.14
CA TRP C 154 11.14 22.01 10.94
C TRP C 154 11.29 22.39 12.39
N THR C 155 10.19 22.38 13.11
CA THR C 155 10.22 22.72 14.52
C THR C 155 9.82 21.52 15.35
N ARG C 156 10.53 21.32 16.44
CA ARG C 156 10.26 20.25 17.39
C ARG C 156 9.11 20.67 18.30
N GLN C 157 8.92 19.94 19.39
CA GLN C 157 8.00 20.38 20.43
C GLN C 157 8.50 21.63 21.14
N ASN C 158 9.81 21.89 21.08
CA ASN C 158 10.42 23.04 21.72
C ASN C 158 10.40 24.27 20.84
N GLY C 159 10.10 24.11 19.55
CA GLY C 159 10.10 25.23 18.63
C GLY C 159 11.45 25.53 18.02
N GLU C 160 12.50 24.84 18.43
CA GLU C 160 13.81 25.02 17.81
C GLU C 160 13.85 24.33 16.46
N ALA C 161 14.88 24.65 15.69
CA ALA C 161 15.03 24.13 14.33
C ALA C 161 15.95 22.92 14.31
N VAL C 162 15.79 22.11 13.27
CA VAL C 162 16.65 20.95 13.06
C VAL C 162 17.22 21.00 11.65
N LYS C 163 17.90 19.91 11.27
CA LYS C 163 18.88 19.87 10.18
C LYS C 163 18.26 20.20 8.83
N THR C 164 19.12 20.61 7.90
CA THR C 164 18.75 21.04 6.55
C THR C 164 18.46 19.86 5.64
N HIS C 165 18.45 20.08 4.34
CA HIS C 165 17.80 19.17 3.41
C HIS C 165 18.29 19.42 2.00
N THR C 166 18.71 18.37 1.32
CA THR C 166 19.23 18.45 -0.04
C THR C 166 18.23 17.89 -1.03
N ASN C 167 18.66 17.86 -2.30
CA ASN C 167 17.96 17.25 -3.43
C ASN C 167 16.54 17.79 -3.56
N ILE C 168 16.41 19.11 -3.51
CA ILE C 168 15.12 19.76 -3.70
C ILE C 168 14.66 19.52 -5.13
N SER C 169 13.35 19.28 -5.29
CA SER C 169 12.82 18.53 -6.41
C SER C 169 12.94 19.32 -7.72
N GLU C 170 12.60 18.63 -8.81
CA GLU C 170 13.11 18.97 -10.13
C GLU C 170 12.01 19.20 -11.15
N SER C 171 12.38 19.27 -12.43
CA SER C 171 11.46 19.68 -13.48
C SER C 171 10.41 18.61 -13.76
N HIS C 172 9.15 19.01 -13.78
CA HIS C 172 7.99 18.14 -13.85
C HIS C 172 7.03 18.61 -14.93
N PRO C 173 6.37 17.66 -15.66
CA PRO C 173 5.66 18.01 -16.89
C PRO C 173 4.43 18.90 -16.72
N ASN C 174 3.51 18.48 -15.86
CA ASN C 174 2.16 19.04 -15.80
C ASN C 174 2.04 20.09 -14.71
N ALA C 175 3.11 20.89 -14.53
CA ALA C 175 3.27 21.83 -13.42
C ALA C 175 3.15 21.13 -12.06
N THR C 176 3.54 19.86 -12.01
CA THR C 176 3.50 19.08 -10.78
C THR C 176 4.85 19.13 -10.06
N PHE C 177 5.34 20.34 -9.85
CA PHE C 177 6.60 20.61 -9.19
C PHE C 177 6.45 20.46 -7.68
N SER C 178 7.57 20.28 -6.99
CA SER C 178 7.53 19.93 -5.57
C SER C 178 8.88 20.23 -4.94
N ALA C 179 9.09 19.70 -3.73
CA ALA C 179 10.32 19.78 -2.96
C ALA C 179 10.21 18.78 -1.82
N VAL C 180 11.36 18.34 -1.31
CA VAL C 180 11.40 17.37 -0.22
C VAL C 180 12.36 17.89 0.86
N GLY C 181 11.79 18.43 1.94
CA GLY C 181 12.59 18.92 3.04
C GLY C 181 12.68 17.91 4.16
N GLU C 182 13.82 17.25 4.27
CA GLU C 182 14.01 16.16 5.22
C GLU C 182 14.94 16.64 6.33
N ALA C 183 14.83 16.00 7.49
CA ALA C 183 15.82 16.17 8.55
C ALA C 183 15.90 14.87 9.34
N SER C 184 17.10 14.51 9.76
CA SER C 184 17.27 13.29 10.53
C SER C 184 16.79 13.50 11.97
N ILE C 185 16.71 12.40 12.71
CA ILE C 185 16.16 12.42 14.05
C ILE C 185 16.62 11.15 14.75
N CYS C 186 16.58 11.15 16.08
CA CYS C 186 16.84 9.97 16.87
C CYS C 186 15.61 9.06 16.88
N GLU C 187 15.75 7.90 17.52
CA GLU C 187 14.69 6.90 17.49
C GLU C 187 13.80 6.94 18.72
N ASP C 188 14.38 7.01 19.91
CA ASP C 188 13.58 7.05 21.13
C ASP C 188 12.81 8.35 21.29
N ASP C 189 13.24 9.41 20.61
CA ASP C 189 12.45 10.63 20.56
C ASP C 189 11.17 10.40 19.77
N TRP C 190 11.29 9.75 18.60
CA TRP C 190 10.13 9.34 17.81
C TRP C 190 9.26 8.37 18.57
N ASN C 191 9.86 7.49 19.39
CA ASN C 191 9.08 6.55 20.17
C ASN C 191 8.34 7.26 21.28
N SER C 192 8.96 8.27 21.89
CA SER C 192 8.25 9.11 22.85
C SER C 192 7.13 9.89 22.17
N GLY C 193 7.35 10.30 20.93
CA GLY C 193 6.27 10.73 20.07
C GLY C 193 5.60 12.04 20.41
N GLU C 194 6.32 13.15 20.25
CA GLU C 194 5.72 14.46 20.38
C GLU C 194 5.49 15.08 19.02
N ARG C 195 4.77 16.20 19.01
CA ARG C 195 4.23 16.76 17.79
C ARG C 195 5.32 17.50 17.02
N PHE C 196 5.94 16.83 16.07
CA PHE C 196 6.88 17.48 15.19
C PHE C 196 6.12 18.22 14.09
N THR C 197 6.63 19.38 13.72
CA THR C 197 5.90 20.29 12.85
C THR C 197 6.84 20.87 11.79
N CYS C 198 6.38 20.89 10.54
CA CYS C 198 7.09 21.61 9.51
C CYS C 198 6.25 22.79 9.05
N THR C 199 6.93 23.89 8.78
CA THR C 199 6.34 25.09 8.21
C THR C 199 7.01 25.42 6.90
N VAL C 200 6.28 26.05 5.99
CA VAL C 200 6.80 26.42 4.69
C VAL C 200 6.51 27.89 4.44
N THR C 201 7.38 28.53 3.65
CA THR C 201 7.24 29.94 3.27
C THR C 201 7.68 30.10 1.83
N HIS C 202 6.81 30.67 1.01
CA HIS C 202 7.09 31.09 -0.36
C HIS C 202 6.72 32.56 -0.47
N THR C 203 7.00 33.18 -1.63
CA THR C 203 6.35 34.43 -1.99
C THR C 203 5.00 34.16 -2.64
N ASP C 204 4.18 33.33 -2.00
CA ASP C 204 2.83 33.02 -2.45
C ASP C 204 1.81 33.41 -1.41
N LEU C 205 2.12 33.24 -0.14
CA LEU C 205 1.20 33.50 0.96
C LEU C 205 1.84 34.40 2.01
N PRO C 206 1.02 35.13 2.78
CA PRO C 206 1.47 35.64 4.07
C PRO C 206 1.25 34.68 5.23
N SER C 207 0.78 33.46 4.93
CA SER C 207 0.36 32.53 5.95
C SER C 207 1.34 31.39 6.09
N PRO C 208 1.81 31.08 7.29
CA PRO C 208 2.47 29.80 7.53
C PRO C 208 1.49 28.65 7.45
N LEU C 209 2.03 27.45 7.33
CA LEU C 209 1.22 26.24 7.12
C LEU C 209 1.62 25.25 8.20
N LYS C 210 0.96 25.31 9.36
CA LYS C 210 1.37 24.52 10.52
C LYS C 210 0.90 23.07 10.37
N GLN C 211 1.59 22.33 9.52
CA GLN C 211 1.37 20.90 9.42
C GLN C 211 1.98 20.20 10.63
N THR C 212 1.17 19.45 11.36
CA THR C 212 1.59 18.81 12.59
C THR C 212 1.61 17.31 12.39
N ILE C 213 2.60 16.63 12.99
CA ILE C 213 2.72 15.19 12.85
C ILE C 213 3.43 14.65 14.09
N SER C 214 3.07 13.43 14.48
CA SER C 214 3.65 12.78 15.65
C SER C 214 3.41 11.29 15.52
N ARG C 215 3.60 10.58 16.62
CA ARG C 215 3.21 9.19 16.73
C ARG C 215 2.18 9.03 17.82
N PRO C 216 1.02 8.47 17.55
CA PRO C 216 0.08 8.17 18.63
C PRO C 216 0.58 6.98 19.44
N LYS C 217 0.14 6.91 20.68
CA LYS C 217 0.50 5.83 21.58
C LYS C 217 -0.77 5.16 22.09
N GLY C 218 -0.59 4.16 22.95
CA GLY C 218 -1.67 3.53 23.66
C GLY C 218 -2.30 2.33 22.98
N VAL C 219 -2.12 2.20 21.66
CA VAL C 219 -2.77 1.10 20.93
C VAL C 219 -2.07 -0.21 21.28
N ALA C 220 -2.83 -1.30 21.21
CA ALA C 220 -2.32 -2.60 21.58
C ALA C 220 -1.67 -3.28 20.39
N LEU C 221 -1.15 -4.47 20.62
CA LEU C 221 -0.47 -5.25 19.59
C LEU C 221 -1.18 -6.58 19.45
N HIS C 222 -1.43 -6.98 18.20
CA HIS C 222 -2.08 -8.26 17.95
C HIS C 222 -1.51 -8.90 16.70
N ARG C 223 -1.29 -10.19 16.77
CA ARG C 223 -0.82 -10.95 15.62
C ARG C 223 -1.88 -10.96 14.52
N PRO C 224 -1.49 -10.81 13.27
CA PRO C 224 -2.44 -10.92 12.17
C PRO C 224 -2.51 -12.34 11.62
N ASP C 225 -3.60 -12.61 10.91
CA ASP C 225 -3.73 -13.82 10.13
C ASP C 225 -3.46 -13.46 8.68
N VAL C 226 -3.12 -14.46 7.88
CA VAL C 226 -2.98 -14.30 6.44
C VAL C 226 -3.74 -15.46 5.80
N TYR C 227 -4.51 -15.19 4.77
CA TYR C 227 -5.03 -16.27 3.95
C TYR C 227 -4.71 -15.94 2.50
N LEU C 228 -4.88 -16.91 1.62
CA LEU C 228 -4.53 -16.65 0.23
C LEU C 228 -5.51 -17.38 -0.65
N LEU C 229 -6.22 -16.65 -1.50
CA LEU C 229 -7.36 -17.19 -2.19
C LEU C 229 -7.06 -17.38 -3.65
N PRO C 230 -7.19 -18.59 -4.19
CA PRO C 230 -6.95 -18.82 -5.61
C PRO C 230 -8.06 -18.20 -6.44
N PRO C 231 -7.83 -17.95 -7.76
CA PRO C 231 -8.71 -17.04 -8.50
C PRO C 231 -10.12 -17.51 -8.77
N ALA C 232 -10.83 -16.67 -9.52
CA ALA C 232 -12.24 -16.86 -9.82
C ALA C 232 -12.41 -17.80 -10.99
N ARG C 233 -13.20 -18.84 -10.81
CA ARG C 233 -13.30 -19.86 -11.84
C ARG C 233 -14.11 -19.42 -13.03
N GLU C 234 -14.99 -18.45 -12.86
CA GLU C 234 -15.64 -17.83 -14.02
C GLU C 234 -14.62 -17.05 -14.83
N GLN C 235 -13.65 -16.46 -14.16
CA GLN C 235 -12.73 -15.54 -14.80
C GLN C 235 -11.74 -16.26 -15.71
N LEU C 236 -11.50 -17.55 -15.45
CA LEU C 236 -10.70 -18.33 -16.38
C LEU C 236 -11.41 -18.54 -17.70
N ASN C 237 -12.75 -18.66 -17.68
CA ASN C 237 -13.52 -18.90 -18.88
C ASN C 237 -13.52 -17.72 -19.83
N LEU C 238 -13.31 -16.51 -19.30
CA LEU C 238 -13.19 -15.33 -20.15
C LEU C 238 -11.86 -15.26 -20.87
N ARG C 239 -10.90 -16.12 -20.49
CA ARG C 239 -9.67 -16.40 -21.24
C ARG C 239 -8.73 -15.20 -21.31
N GLU C 240 -8.76 -14.31 -20.33
CA GLU C 240 -7.91 -13.14 -20.37
C GLU C 240 -6.91 -13.08 -19.22
N SER C 241 -7.36 -13.08 -17.97
CA SER C 241 -6.47 -12.80 -16.87
C SER C 241 -7.02 -13.41 -15.60
N ALA C 242 -6.16 -13.51 -14.60
CA ALA C 242 -6.51 -13.98 -13.27
C ALA C 242 -6.33 -12.87 -12.25
N THR C 243 -6.73 -13.15 -11.03
CA THR C 243 -6.36 -12.36 -9.87
C THR C 243 -5.95 -13.30 -8.76
N ILE C 244 -5.27 -12.75 -7.76
CA ILE C 244 -4.97 -13.41 -6.52
C ILE C 244 -5.24 -12.36 -5.46
N THR C 245 -5.67 -12.77 -4.29
CA THR C 245 -5.87 -11.83 -3.19
C THR C 245 -5.08 -12.29 -2.00
N CYS C 246 -4.11 -11.50 -1.56
CA CYS C 246 -3.69 -11.70 -0.18
C CYS C 246 -4.74 -11.09 0.73
N LEU C 247 -4.74 -11.48 1.98
CA LEU C 247 -5.68 -10.90 2.94
C LEU C 247 -5.07 -10.97 4.32
N VAL C 248 -4.86 -9.85 4.96
CA VAL C 248 -4.53 -9.84 6.37
C VAL C 248 -5.75 -9.31 7.10
N THR C 249 -5.91 -9.72 8.36
CA THR C 249 -7.19 -9.51 9.04
C THR C 249 -7.01 -9.53 10.54
N GLY C 250 -7.41 -8.46 11.21
CA GLY C 250 -7.58 -8.49 12.65
C GLY C 250 -6.37 -8.22 13.50
N PHE C 251 -5.66 -7.14 13.20
CA PHE C 251 -4.37 -6.84 13.82
C PHE C 251 -4.40 -5.42 14.38
N SER C 252 -3.27 -5.00 14.93
CA SER C 252 -3.13 -3.69 15.54
C SER C 252 -1.66 -3.39 15.71
N PRO C 253 -1.21 -2.17 15.45
CA PRO C 253 -1.86 -1.01 14.84
C PRO C 253 -1.77 -1.11 13.35
N ALA C 254 -1.80 0.01 12.66
CA ALA C 254 -1.67 0.06 11.21
C ALA C 254 -0.24 -0.16 10.77
N ASP C 255 0.09 0.29 9.55
CA ASP C 255 1.46 0.28 8.99
C ASP C 255 1.97 -1.14 8.79
N VAL C 256 1.36 -1.79 7.80
CA VAL C 256 1.76 -3.12 7.36
C VAL C 256 2.55 -2.96 6.06
N PHE C 257 3.23 -4.04 5.63
CA PHE C 257 4.17 -4.00 4.51
C PHE C 257 4.19 -5.34 3.80
N VAL C 258 3.94 -5.34 2.48
CA VAL C 258 3.85 -6.57 1.70
C VAL C 258 4.61 -6.44 0.40
N GLN C 259 5.05 -7.60 -0.14
CA GLN C 259 5.49 -7.74 -1.53
C GLN C 259 5.50 -9.22 -1.91
N TRP C 260 5.97 -9.51 -3.12
CA TRP C 260 5.69 -10.78 -3.79
C TRP C 260 6.97 -11.40 -4.33
N MET C 261 7.28 -12.61 -3.89
CA MET C 261 8.40 -13.39 -4.43
C MET C 261 7.82 -14.46 -5.34
N GLN C 262 8.28 -14.49 -6.59
CA GLN C 262 8.08 -15.65 -7.45
C GLN C 262 9.33 -15.82 -8.28
N ARG C 263 9.66 -17.08 -8.59
CA ARG C 263 10.89 -17.55 -9.25
C ARG C 263 12.16 -17.37 -8.44
N GLY C 264 12.13 -16.71 -7.30
CA GLY C 264 13.36 -16.39 -6.63
C GLY C 264 13.65 -14.91 -6.53
N GLN C 265 13.27 -14.11 -7.52
CA GLN C 265 13.48 -12.68 -7.34
C GLN C 265 12.15 -11.97 -7.18
N PRO C 266 12.07 -10.92 -6.37
CA PRO C 266 10.80 -10.21 -6.18
C PRO C 266 10.33 -9.51 -7.45
N LEU C 267 9.04 -9.18 -7.45
CA LEU C 267 8.37 -8.60 -8.60
C LEU C 267 8.79 -7.14 -8.80
N SER C 268 8.29 -6.56 -9.88
CA SER C 268 8.35 -5.12 -10.02
C SER C 268 7.35 -4.48 -9.07
N PRO C 269 7.54 -3.22 -8.71
CA PRO C 269 6.61 -2.60 -7.77
C PRO C 269 5.36 -2.00 -8.41
N GLU C 270 5.00 -2.42 -9.62
CA GLU C 270 3.78 -1.92 -10.25
C GLU C 270 2.92 -3.02 -10.85
N LYS C 271 3.28 -4.28 -10.65
CA LYS C 271 2.40 -5.36 -11.06
C LYS C 271 1.31 -5.60 -10.03
N TYR C 272 1.44 -5.06 -8.83
CA TYR C 272 0.59 -5.41 -7.71
C TYR C 272 0.24 -4.14 -6.95
N VAL C 273 -0.99 -4.05 -6.47
CA VAL C 273 -1.50 -2.82 -5.86
C VAL C 273 -2.06 -3.15 -4.49
N THR C 274 -1.55 -2.49 -3.46
CA THR C 274 -2.02 -2.76 -2.12
C THR C 274 -3.13 -1.79 -1.77
N SER C 275 -3.45 -1.69 -0.48
CA SER C 275 -4.49 -0.83 0.05
C SER C 275 -4.07 -0.27 1.39
N ALA C 276 -4.93 0.54 1.96
CA ALA C 276 -4.72 1.15 3.26
C ALA C 276 -5.76 0.62 4.23
N PRO C 277 -5.47 0.63 5.53
CA PRO C 277 -6.45 0.07 6.48
C PRO C 277 -7.70 0.93 6.62
N MET C 278 -8.77 0.28 7.07
CA MET C 278 -10.04 0.91 7.45
C MET C 278 -10.69 0.00 8.48
N PRO C 279 -11.42 0.56 9.45
CA PRO C 279 -11.72 -0.21 10.68
C PRO C 279 -12.66 -1.38 10.49
N GLU C 280 -12.41 -2.41 11.29
CA GLU C 280 -13.19 -3.62 11.28
C GLU C 280 -14.60 -3.34 11.81
N PRO C 281 -15.61 -4.00 11.29
CA PRO C 281 -16.94 -3.87 11.88
C PRO C 281 -17.06 -4.50 13.27
N GLN C 282 -16.64 -5.74 13.42
CA GLN C 282 -17.00 -6.50 14.61
C GLN C 282 -16.11 -6.17 15.79
N ALA C 283 -14.82 -6.44 15.68
CA ALA C 283 -13.89 -6.06 16.73
C ALA C 283 -13.79 -4.54 16.79
N PRO C 284 -13.71 -3.95 17.98
CA PRO C 284 -13.82 -2.49 18.08
C PRO C 284 -12.60 -1.74 17.58
N GLY C 285 -11.42 -2.33 17.60
CA GLY C 285 -10.24 -1.53 17.36
C GLY C 285 -9.22 -2.08 16.39
N ARG C 286 -9.63 -2.89 15.43
CA ARG C 286 -8.69 -3.48 14.51
C ARG C 286 -8.97 -3.03 13.08
N TYR C 287 -8.20 -3.58 12.15
CA TYR C 287 -8.29 -3.16 10.76
C TYR C 287 -8.13 -4.40 9.89
N PHE C 288 -7.97 -4.17 8.59
CA PHE C 288 -7.63 -5.21 7.62
C PHE C 288 -6.91 -4.55 6.47
N ALA C 289 -6.66 -5.30 5.41
CA ALA C 289 -6.00 -4.77 4.22
C ALA C 289 -6.22 -5.72 3.06
N HIS C 290 -5.80 -5.30 1.88
CA HIS C 290 -5.86 -6.14 0.71
C HIS C 290 -4.56 -6.06 -0.08
N SER C 291 -4.47 -6.91 -1.10
CA SER C 291 -3.36 -6.91 -2.05
C SER C 291 -3.79 -7.68 -3.28
N ILE C 292 -3.68 -7.08 -4.44
CA ILE C 292 -4.18 -7.70 -5.67
C ILE C 292 -2.98 -7.94 -6.58
N LEU C 293 -3.08 -8.96 -7.44
CA LEU C 293 -2.01 -9.28 -8.38
C LEU C 293 -2.60 -9.98 -9.58
N THR C 294 -2.22 -9.56 -10.79
CA THR C 294 -2.81 -10.09 -12.01
C THR C 294 -1.75 -10.67 -12.94
N VAL C 295 -1.98 -11.92 -13.39
CA VAL C 295 -1.22 -12.55 -14.46
C VAL C 295 -2.20 -13.23 -15.41
N SER C 296 -1.68 -13.69 -16.55
CA SER C 296 -2.50 -14.22 -17.63
C SER C 296 -2.94 -15.66 -17.32
N GLU C 297 -3.52 -16.33 -18.31
CA GLU C 297 -4.03 -17.67 -18.11
C GLU C 297 -3.11 -18.76 -18.63
N GLU C 298 -2.24 -18.44 -19.58
CA GLU C 298 -1.20 -19.37 -19.96
C GLU C 298 -0.20 -19.53 -18.84
N GLU C 299 -0.07 -18.50 -18.00
CA GLU C 299 0.85 -18.55 -16.88
C GLU C 299 0.33 -19.43 -15.76
N TRP C 300 -0.94 -19.29 -15.41
CA TRP C 300 -1.40 -19.95 -14.19
C TRP C 300 -1.78 -21.39 -14.44
N ASN C 301 -1.76 -21.85 -15.69
CA ASN C 301 -2.02 -23.24 -16.01
C ASN C 301 -0.78 -24.13 -15.91
N THR C 302 0.41 -23.54 -15.76
CA THR C 302 1.63 -24.27 -16.06
C THR C 302 2.53 -24.32 -14.82
N GLY C 303 1.98 -24.67 -13.66
CA GLY C 303 2.78 -24.58 -12.44
C GLY C 303 2.86 -23.15 -12.00
N GLU C 304 4.09 -22.67 -11.78
CA GLU C 304 4.41 -21.25 -11.57
C GLU C 304 3.72 -20.67 -10.32
N THR C 305 4.22 -21.11 -9.17
CA THR C 305 3.79 -20.66 -7.85
C THR C 305 3.93 -19.16 -7.64
N TYR C 306 3.36 -18.68 -6.54
CA TYR C 306 3.52 -17.30 -6.10
C TYR C 306 3.55 -17.30 -4.58
N THR C 307 4.14 -16.27 -4.00
CA THR C 307 4.29 -16.21 -2.54
C THR C 307 4.01 -14.80 -2.04
N CYS C 308 3.48 -14.70 -0.83
CA CYS C 308 3.13 -13.44 -0.19
C CYS C 308 4.00 -13.28 1.04
N VAL C 309 4.50 -12.08 1.29
CA VAL C 309 5.18 -11.81 2.56
C VAL C 309 4.47 -10.66 3.25
N VAL C 310 4.39 -10.71 4.56
CA VAL C 310 3.86 -9.59 5.32
C VAL C 310 4.97 -9.07 6.20
N ALA C 311 4.72 -7.98 6.91
CA ALA C 311 5.72 -7.41 7.80
C ALA C 311 4.98 -6.58 8.83
N HIS C 312 5.17 -6.91 10.10
CA HIS C 312 4.45 -6.20 11.14
C HIS C 312 5.16 -6.42 12.46
N GLU C 313 5.16 -5.40 13.32
CA GLU C 313 6.04 -5.42 14.48
C GLU C 313 5.54 -6.32 15.60
N ALA C 314 4.34 -6.87 15.50
CA ALA C 314 3.81 -7.72 16.55
C ALA C 314 3.81 -9.20 16.19
N LEU C 315 4.02 -9.54 14.93
CA LEU C 315 4.22 -10.92 14.55
C LEU C 315 5.50 -11.41 15.20
N PRO C 316 5.51 -12.60 15.81
CA PRO C 316 6.57 -12.95 16.76
C PRO C 316 7.95 -13.15 16.15
N ASN C 317 8.08 -13.20 14.82
CA ASN C 317 9.41 -13.18 14.25
C ASN C 317 9.44 -12.31 12.99
N ARG C 318 8.50 -11.37 12.92
CA ARG C 318 8.42 -10.21 12.02
C ARG C 318 8.05 -10.54 10.58
N VAL C 319 8.09 -11.80 10.18
CA VAL C 319 7.92 -12.17 8.78
C VAL C 319 7.24 -13.52 8.73
N THR C 320 6.15 -13.65 7.97
CA THR C 320 5.66 -14.96 7.58
C THR C 320 5.35 -14.97 6.10
N GLU C 321 4.94 -16.13 5.61
CA GLU C 321 5.00 -16.37 4.17
C GLU C 321 4.08 -17.52 3.81
N ARG C 322 3.00 -17.24 3.10
CA ARG C 322 2.09 -18.26 2.63
C ARG C 322 2.09 -18.28 1.12
N THR C 323 1.78 -19.43 0.54
CA THR C 323 1.97 -19.65 -0.88
C THR C 323 0.96 -20.66 -1.42
N VAL C 324 0.24 -20.30 -2.49
CA VAL C 324 -0.74 -21.19 -3.07
C VAL C 324 -0.59 -21.17 -4.59
N ASP C 325 -0.15 -22.30 -5.15
CA ASP C 325 -0.05 -22.38 -6.59
C ASP C 325 -1.31 -22.84 -7.31
N LYS C 326 -1.59 -24.14 -7.32
CA LYS C 326 -2.78 -24.65 -7.96
C LYS C 326 -3.38 -25.77 -7.15
N SER C 327 -2.52 -26.61 -6.62
CA SER C 327 -2.99 -27.87 -6.08
C SER C 327 -2.26 -28.28 -4.81
N THR C 328 -1.48 -27.39 -4.19
CA THR C 328 -0.74 -27.74 -2.98
C THR C 328 -1.78 -27.93 -1.88
N GLU C 329 -2.16 -29.18 -1.80
CA GLU C 329 -3.34 -29.74 -1.18
C GLU C 329 -3.08 -31.22 -1.36
N GLY C 330 -4.04 -32.08 -1.06
CA GLY C 330 -3.65 -33.46 -1.24
C GLY C 330 -2.77 -33.94 -0.10
N GLU C 331 -3.40 -34.41 0.96
CA GLU C 331 -2.82 -34.87 2.22
C GLU C 331 -1.87 -36.06 2.02
N VAL C 332 -1.44 -36.70 3.10
CA VAL C 332 -0.35 -37.66 3.25
C VAL C 332 -0.48 -38.91 2.37
N SER C 333 0.51 -39.81 2.48
CA SER C 333 0.66 -41.05 1.71
C SER C 333 1.00 -40.79 0.26
N ALA C 334 2.28 -40.52 0.03
CA ALA C 334 2.86 -40.47 -1.31
C ALA C 334 2.50 -41.68 -2.17
N ASP C 335 2.95 -42.85 -1.78
CA ASP C 335 2.84 -44.01 -2.66
C ASP C 335 1.46 -44.64 -2.62
N GLU C 336 1.10 -45.17 -1.46
CA GLU C 336 0.07 -46.18 -1.37
C GLU C 336 -1.32 -45.56 -1.37
N GLU C 337 -2.33 -46.44 -1.38
CA GLU C 337 -3.64 -46.48 -2.06
C GLU C 337 -3.58 -47.14 -3.43
N GLY C 338 -2.39 -47.47 -3.93
CA GLY C 338 -2.22 -48.34 -5.08
C GLY C 338 -2.72 -47.87 -6.42
N PHE C 339 -2.30 -48.55 -7.49
CA PHE C 339 -3.03 -48.54 -8.75
C PHE C 339 -3.30 -49.94 -9.23
N GLU C 340 -2.38 -50.85 -8.93
CA GLU C 340 -2.43 -52.20 -9.46
C GLU C 340 -3.61 -52.96 -8.87
N ASN C 341 -3.80 -52.82 -7.56
CA ASN C 341 -4.71 -53.66 -6.82
C ASN C 341 -6.15 -53.39 -7.19
N LEU C 342 -6.47 -52.13 -7.47
CA LEU C 342 -7.84 -51.70 -7.67
C LEU C 342 -8.37 -52.20 -9.01
N TRP C 343 -7.62 -51.93 -10.08
CA TRP C 343 -7.95 -52.47 -11.39
C TRP C 343 -7.92 -53.99 -11.40
N ALA C 344 -7.06 -54.58 -10.57
CA ALA C 344 -7.01 -56.04 -10.43
C ALA C 344 -8.32 -56.58 -9.86
N THR C 345 -8.83 -56.00 -8.78
CA THR C 345 -10.10 -56.44 -8.21
C THR C 345 -11.26 -56.19 -9.16
N ALA C 346 -11.19 -55.08 -9.91
CA ALA C 346 -12.21 -54.81 -10.93
C ALA C 346 -12.30 -55.93 -11.96
N SER C 347 -11.16 -56.28 -12.57
CA SER C 347 -11.15 -57.31 -13.60
C SER C 347 -11.49 -58.69 -13.05
N THR C 348 -10.99 -59.01 -11.85
CA THR C 348 -11.20 -60.36 -11.33
C THR C 348 -12.63 -60.58 -10.88
N PHE C 349 -13.28 -59.59 -10.30
CA PHE C 349 -14.66 -59.88 -9.94
C PHE C 349 -15.62 -59.71 -11.11
N ILE C 350 -15.30 -58.89 -12.11
CA ILE C 350 -16.17 -58.86 -13.29
C ILE C 350 -16.06 -60.17 -14.08
N VAL C 351 -14.90 -60.83 -14.11
CA VAL C 351 -14.89 -62.13 -14.77
C VAL C 351 -15.48 -63.19 -13.83
N LEU C 352 -15.34 -62.99 -12.52
CA LEU C 352 -15.69 -64.05 -11.58
C LEU C 352 -17.20 -64.18 -11.43
N PHE C 353 -17.96 -63.09 -11.59
CA PHE C 353 -19.40 -63.26 -11.43
C PHE C 353 -20.04 -63.85 -12.67
N LEU C 354 -19.50 -63.52 -13.84
CA LEU C 354 -19.90 -64.21 -15.07
C LEU C 354 -19.50 -65.68 -15.02
N LEU C 355 -18.46 -66.01 -14.26
CA LEU C 355 -18.17 -67.40 -13.93
C LEU C 355 -18.88 -67.89 -12.67
N SER C 356 -19.83 -67.11 -12.14
CA SER C 356 -20.71 -67.60 -11.07
C SER C 356 -22.14 -67.86 -11.53
N LEU C 357 -22.57 -67.20 -12.62
CA LEU C 357 -23.94 -67.37 -13.11
C LEU C 357 -24.21 -68.81 -13.58
N PHE C 358 -23.34 -69.34 -14.42
CA PHE C 358 -23.51 -70.71 -14.93
C PHE C 358 -23.32 -71.77 -13.85
N TYR C 359 -22.73 -71.42 -12.71
CA TYR C 359 -22.75 -72.33 -11.58
C TYR C 359 -24.08 -72.26 -10.84
N SER C 360 -24.64 -71.05 -10.68
CA SER C 360 -25.87 -70.95 -9.90
C SER C 360 -27.10 -71.45 -10.66
N THR C 361 -27.12 -71.27 -11.98
CA THR C 361 -28.32 -71.59 -12.74
C THR C 361 -28.56 -73.09 -12.86
N THR C 362 -27.49 -73.89 -12.94
CA THR C 362 -27.66 -75.34 -12.92
C THR C 362 -28.11 -75.84 -11.55
N VAL C 363 -27.73 -75.12 -10.48
CA VAL C 363 -28.26 -75.40 -9.15
C VAL C 363 -29.76 -75.10 -9.12
N THR C 364 -30.19 -74.05 -9.83
CA THR C 364 -31.63 -73.85 -9.97
C THR C 364 -32.27 -74.89 -10.89
N LEU C 365 -31.49 -75.56 -11.72
CA LEU C 365 -32.06 -76.59 -12.60
C LEU C 365 -32.27 -77.91 -11.87
N PHE C 366 -31.24 -78.41 -11.20
CA PHE C 366 -31.31 -79.74 -10.62
C PHE C 366 -31.56 -79.68 -9.12
N ILE D 1 17.63 77.38 19.45
CA ILE D 1 17.39 76.04 18.96
C ILE D 1 16.06 75.51 19.47
N ALA D 2 15.13 75.27 18.54
CA ALA D 2 13.81 74.74 18.88
C ALA D 2 13.91 73.23 19.01
N GLU D 3 13.69 72.71 20.22
CA GLU D 3 13.78 71.28 20.47
C GLU D 3 12.56 70.59 19.89
N LEU D 4 12.75 69.90 18.76
CA LEU D 4 11.65 69.35 17.98
C LEU D 4 11.87 67.86 17.74
N PRO D 5 10.88 67.02 18.02
CA PRO D 5 11.02 65.59 17.75
C PRO D 5 10.84 65.29 16.27
N PRO D 6 11.47 64.24 15.77
CA PRO D 6 11.29 63.88 14.35
C PRO D 6 10.02 63.08 14.14
N LYS D 7 9.56 63.09 12.89
CA LYS D 7 8.42 62.30 12.48
C LYS D 7 8.89 60.85 12.37
N VAL D 8 8.74 60.11 13.45
CA VAL D 8 9.32 58.78 13.56
C VAL D 8 8.38 57.76 12.95
N SER D 9 8.84 57.10 11.87
CA SER D 9 8.10 56.05 11.21
C SER D 9 9.08 55.12 10.52
N VAL D 10 8.58 53.96 10.11
CA VAL D 10 9.37 52.95 9.40
C VAL D 10 8.62 52.60 8.12
N PHE D 11 9.27 52.77 6.98
CA PHE D 11 8.66 52.46 5.69
C PHE D 11 9.22 51.15 5.17
N VAL D 12 8.33 50.24 4.77
CA VAL D 12 8.71 48.87 4.46
C VAL D 12 9.03 48.73 2.97
N PRO D 13 9.97 47.87 2.59
CA PRO D 13 10.26 47.66 1.17
C PRO D 13 9.16 46.81 0.54
N PRO D 14 9.09 46.75 -0.79
CA PRO D 14 8.16 45.81 -1.42
C PRO D 14 8.59 44.36 -1.19
N ARG D 15 7.62 43.47 -1.40
CA ARG D 15 7.82 42.05 -1.08
C ARG D 15 8.81 41.41 -2.05
N ASP D 16 8.88 41.89 -3.29
CA ASP D 16 9.71 41.29 -4.33
C ASP D 16 11.02 42.05 -4.55
N GLY D 17 11.62 42.58 -3.48
CA GLY D 17 12.85 43.34 -3.62
C GLY D 17 14.06 42.68 -3.01
N PHE D 18 13.95 41.38 -2.71
CA PHE D 18 15.04 40.64 -2.08
C PHE D 18 15.88 39.96 -3.15
N PHE D 19 17.15 40.33 -3.22
CA PHE D 19 18.04 39.82 -4.26
C PHE D 19 19.42 39.57 -3.69
N GLY D 20 20.22 38.82 -4.44
CA GLY D 20 21.52 38.39 -4.00
C GLY D 20 21.53 36.96 -3.52
N ASN D 21 22.67 36.57 -2.96
CA ASN D 21 22.83 35.23 -2.38
C ASN D 21 23.28 35.38 -0.94
N PRO D 22 22.38 35.26 0.05
CA PRO D 22 20.93 35.07 -0.08
C PRO D 22 20.19 36.34 -0.46
N ARG D 23 18.91 36.20 -0.80
CA ARG D 23 18.15 37.32 -1.33
C ARG D 23 17.84 38.33 -0.23
N LYS D 24 18.30 39.56 -0.40
CA LYS D 24 18.28 40.55 0.66
C LYS D 24 17.69 41.86 0.17
N SER D 25 17.12 42.60 1.12
CA SER D 25 16.66 43.96 0.89
C SER D 25 16.96 44.76 2.15
N LYS D 26 16.50 46.01 2.17
CA LYS D 26 16.88 46.93 3.24
C LYS D 26 15.66 47.58 3.90
N LEU D 27 15.89 48.50 4.83
CA LEU D 27 14.82 49.13 5.57
C LEU D 27 15.08 50.64 5.65
N ILE D 28 14.12 51.35 6.24
CA ILE D 28 14.23 52.78 6.49
C ILE D 28 13.68 53.05 7.88
N CYS D 29 14.50 53.64 8.74
CA CYS D 29 14.05 54.18 10.02
C CYS D 29 13.98 55.69 9.85
N GLN D 30 12.84 56.17 9.38
CA GLN D 30 12.67 57.60 9.13
C GLN D 30 12.49 58.31 10.47
N ALA D 31 13.56 58.94 10.94
CA ALA D 31 13.49 59.92 12.03
C ALA D 31 14.06 61.21 11.44
N THR D 32 13.18 61.95 10.75
CA THR D 32 13.58 63.14 10.03
C THR D 32 12.78 64.33 10.54
N GLY D 33 13.35 65.53 10.39
CA GLY D 33 12.70 66.71 10.86
C GLY D 33 12.86 66.89 12.36
N PHE D 34 14.10 66.93 12.83
CA PHE D 34 14.39 67.08 14.24
C PHE D 34 15.46 68.14 14.47
N SER D 35 15.32 68.85 15.59
CA SER D 35 16.32 69.73 16.14
C SER D 35 16.14 69.57 17.64
N PRO D 36 17.23 69.58 18.43
CA PRO D 36 18.65 69.77 18.11
C PRO D 36 19.36 68.54 17.52
N ARG D 37 20.68 68.55 17.64
CA ARG D 37 21.52 67.55 16.98
C ARG D 37 21.40 66.18 17.64
N GLN D 38 21.09 66.13 18.93
CA GLN D 38 21.16 64.88 19.68
C GLN D 38 19.99 63.97 19.33
N ILE D 39 20.31 62.74 18.91
CA ILE D 39 19.31 61.73 18.57
C ILE D 39 19.99 60.38 18.69
N GLN D 40 19.21 59.36 19.09
CA GLN D 40 19.69 58.00 19.18
C GLN D 40 18.72 57.07 18.45
N VAL D 41 19.25 56.18 17.62
CA VAL D 41 18.46 55.32 16.76
C VAL D 41 18.85 53.87 17.03
N SER D 42 17.85 53.02 17.28
CA SER D 42 18.10 51.61 17.55
C SER D 42 16.97 50.76 16.99
N TRP D 43 17.31 49.78 16.15
CA TRP D 43 16.35 48.80 15.67
C TRP D 43 16.06 47.78 16.77
N LEU D 44 15.02 46.97 16.55
CA LEU D 44 14.73 45.82 17.42
C LEU D 44 14.09 44.73 16.57
N ARG D 45 14.83 43.66 16.29
CA ARG D 45 14.22 42.43 15.81
C ARG D 45 13.79 41.64 17.03
N GLU D 46 12.54 41.85 17.44
CA GLU D 46 11.88 41.18 18.56
C GLU D 46 12.65 41.41 19.86
N GLY D 47 12.70 42.67 20.28
CA GLY D 47 13.35 43.04 21.53
C GLY D 47 14.85 42.99 21.52
N LYS D 48 15.48 42.87 20.36
CA LYS D 48 16.94 42.80 20.26
C LYS D 48 17.39 43.59 19.04
N GLN D 49 18.33 44.50 19.24
CA GLN D 49 18.95 45.19 18.13
C GLN D 49 19.97 44.29 17.46
N VAL D 50 19.90 44.18 16.14
CA VAL D 50 20.90 43.44 15.39
C VAL D 50 22.01 44.40 14.99
N GLY D 51 23.25 44.03 15.26
CA GLY D 51 24.38 44.91 15.05
C GLY D 51 24.76 45.11 13.60
N SER D 52 25.10 44.03 12.91
CA SER D 52 25.55 44.12 11.52
C SER D 52 24.38 44.39 10.59
N GLY D 53 24.71 44.75 9.35
CA GLY D 53 23.70 45.03 8.35
C GLY D 53 22.93 46.31 8.56
N VAL D 54 23.47 47.23 9.37
CA VAL D 54 22.80 48.48 9.72
C VAL D 54 23.55 49.63 9.06
N THR D 55 22.82 50.48 8.35
CA THR D 55 23.38 51.69 7.76
C THR D 55 22.62 52.87 8.35
N THR D 56 23.15 53.41 9.46
CA THR D 56 22.58 54.58 10.10
C THR D 56 23.26 55.82 9.53
N ASP D 57 22.45 56.79 9.10
CA ASP D 57 22.96 58.01 8.50
C ASP D 57 23.45 58.96 9.60
N GLN D 58 23.80 60.18 9.20
CA GLN D 58 24.27 61.20 10.11
C GLN D 58 23.21 62.28 10.30
N VAL D 59 23.42 63.12 11.30
CA VAL D 59 22.52 64.23 11.57
C VAL D 59 22.76 65.29 10.50
N GLN D 60 21.91 65.30 9.48
CA GLN D 60 22.10 66.13 8.31
C GLN D 60 20.88 67.02 8.11
N ALA D 61 21.12 68.24 7.60
CA ALA D 61 20.08 69.25 7.52
C ALA D 61 19.12 68.97 6.37
N GLU D 62 17.91 69.51 6.50
CA GLU D 62 16.89 69.44 5.46
C GLU D 62 16.78 70.78 4.74
N ALA D 63 16.18 70.74 3.55
CA ALA D 63 16.00 71.92 2.71
C ALA D 63 14.80 72.71 3.23
N LYS D 64 15.07 73.66 4.12
CA LYS D 64 14.04 74.52 4.69
C LYS D 64 14.48 75.98 4.55
N GLU D 65 13.55 76.83 4.12
CA GLU D 65 13.85 78.24 3.87
C GLU D 65 13.60 79.13 5.09
N SER D 66 12.54 78.86 5.85
CA SER D 66 12.20 79.65 7.01
C SER D 66 11.91 78.73 8.18
N GLY D 67 11.69 79.33 9.35
CA GLY D 67 11.42 78.57 10.55
C GLY D 67 12.67 77.93 11.11
N PRO D 68 12.52 77.16 12.19
CA PRO D 68 13.67 76.41 12.73
C PRO D 68 14.09 75.27 11.81
N THR D 69 15.25 75.41 11.18
CA THR D 69 15.75 74.42 10.23
C THR D 69 16.16 73.17 10.99
N THR D 70 15.41 72.10 10.81
CA THR D 70 15.63 70.86 11.54
C THR D 70 16.64 70.00 10.81
N TYR D 71 16.77 68.74 11.21
CA TYR D 71 17.75 67.82 10.66
C TYR D 71 17.08 66.51 10.32
N LYS D 72 17.79 65.66 9.58
CA LYS D 72 17.26 64.36 9.20
C LYS D 72 18.30 63.28 9.47
N VAL D 73 17.81 62.09 9.80
CA VAL D 73 18.64 60.90 9.93
C VAL D 73 17.78 59.70 9.55
N THR D 74 18.42 58.66 9.02
CA THR D 74 17.71 57.48 8.54
C THR D 74 18.59 56.26 8.73
N SER D 75 18.17 55.33 9.58
CA SER D 75 18.84 54.06 9.67
C SER D 75 18.33 53.10 8.61
N THR D 76 19.22 52.26 8.12
CA THR D 76 18.90 51.33 7.05
C THR D 76 19.38 49.95 7.45
N LEU D 77 18.45 49.05 7.68
CA LEU D 77 18.75 47.69 8.13
C LEU D 77 18.59 46.74 6.95
N THR D 78 19.71 46.20 6.48
CA THR D 78 19.67 45.16 5.45
C THR D 78 19.15 43.87 6.04
N ILE D 79 18.10 43.31 5.45
CA ILE D 79 17.39 42.17 5.99
C ILE D 79 17.37 41.05 4.98
N LYS D 80 16.97 39.86 5.43
CA LYS D 80 16.84 38.69 4.58
C LYS D 80 15.37 38.38 4.31
N GLU D 81 15.15 37.57 3.27
CA GLU D 81 13.81 37.39 2.72
C GLU D 81 12.95 36.49 3.60
N SER D 82 13.50 35.33 3.98
CA SER D 82 12.76 34.38 4.80
C SER D 82 12.51 34.95 6.19
N ASP D 83 13.39 35.81 6.68
CA ASP D 83 13.16 36.50 7.94
C ASP D 83 12.00 37.48 7.80
N TRP D 84 11.88 38.13 6.64
CA TRP D 84 10.80 39.09 6.44
C TRP D 84 9.46 38.40 6.24
N LEU D 85 9.48 37.23 5.60
CA LEU D 85 8.27 36.42 5.51
C LEU D 85 7.93 35.72 6.81
N GLY D 86 8.89 35.61 7.72
CA GLY D 86 8.69 34.87 8.96
C GLY D 86 7.99 35.66 10.06
N GLN D 87 7.36 36.78 9.68
CA GLN D 87 6.45 37.54 10.54
C GLN D 87 7.14 38.11 11.78
N SER D 88 8.44 38.37 11.68
CA SER D 88 9.14 39.00 12.78
C SER D 88 8.74 40.47 12.88
N MET D 89 8.58 40.95 14.10
CA MET D 89 8.28 42.36 14.31
C MET D 89 9.60 43.12 14.32
N PHE D 90 9.59 44.30 13.72
CA PHE D 90 10.79 45.14 13.60
C PHE D 90 10.46 46.53 14.12
N THR D 91 11.01 46.88 15.27
CA THR D 91 10.75 48.15 15.92
C THR D 91 12.02 48.97 15.92
N CYS D 92 11.97 50.16 15.31
CA CYS D 92 13.11 51.08 15.34
C CYS D 92 12.85 52.07 16.47
N ARG D 93 13.33 51.74 17.66
CA ARG D 93 13.18 52.61 18.82
C ARG D 93 14.13 53.78 18.69
N VAL D 94 13.61 54.92 18.27
CA VAL D 94 14.37 56.15 18.19
C VAL D 94 14.38 56.80 19.55
N ASP D 95 15.54 57.30 19.98
CA ASP D 95 15.63 58.07 21.22
C ASP D 95 16.19 59.44 20.87
N HIS D 96 15.30 60.34 20.42
CA HIS D 96 15.68 61.73 20.21
C HIS D 96 15.58 62.46 21.55
N ARG D 97 16.73 62.93 22.03
CA ARG D 97 16.90 63.50 23.38
C ARG D 97 16.45 62.51 24.46
N GLY D 98 16.73 61.23 24.22
CA GLY D 98 16.34 60.19 25.16
C GLY D 98 14.86 59.93 25.28
N LEU D 99 14.09 60.23 24.24
CA LEU D 99 12.64 60.08 24.26
C LEU D 99 12.25 58.88 23.40
N THR D 100 11.51 57.94 24.01
CA THR D 100 11.19 56.66 23.37
C THR D 100 10.25 56.87 22.21
N PHE D 101 10.78 56.72 20.99
CA PHE D 101 10.03 56.92 19.75
C PHE D 101 10.07 55.60 18.99
N GLN D 102 9.09 54.74 19.24
CA GLN D 102 9.06 53.40 18.67
C GLN D 102 8.13 53.33 17.46
N GLN D 103 8.31 52.28 16.67
CA GLN D 103 7.43 51.98 15.55
C GLN D 103 7.43 50.47 15.35
N ASN D 104 6.45 49.80 15.97
CA ASN D 104 6.31 48.35 15.84
C ASN D 104 5.81 48.04 14.43
N ALA D 105 6.57 47.24 13.68
CA ALA D 105 6.26 47.01 12.28
C ALA D 105 6.62 45.59 11.87
N SER D 106 5.88 45.10 10.88
CA SER D 106 6.12 43.82 10.21
C SER D 106 5.38 43.87 8.89
N SER D 107 5.32 42.72 8.20
CA SER D 107 4.57 42.61 6.95
C SER D 107 3.57 41.48 7.10
N MET D 108 2.41 41.79 7.68
CA MET D 108 1.34 40.82 7.76
C MET D 108 -0.05 41.47 7.66
N CYS D 109 -0.13 42.68 7.13
CA CYS D 109 -1.37 43.44 7.22
C CYS D 109 -2.44 42.95 6.24
N VAL D 110 -2.88 41.72 6.42
CA VAL D 110 -4.02 41.18 5.68
C VAL D 110 -5.38 41.60 6.23
N PRO D 111 -5.67 41.47 7.56
CA PRO D 111 -6.90 40.83 8.07
C PRO D 111 -8.23 41.21 7.41
N ASP D 112 -9.04 40.20 7.13
CA ASP D 112 -10.29 40.37 6.39
C ASP D 112 -11.43 39.74 7.18
N GLN D 113 -12.17 40.57 7.91
CA GLN D 113 -13.42 40.18 8.54
C GLN D 113 -14.53 40.74 7.67
N ASP D 114 -15.16 39.88 6.89
CA ASP D 114 -16.03 40.35 5.81
C ASP D 114 -17.19 39.37 5.65
N THR D 115 -17.86 39.44 4.51
CA THR D 115 -19.11 38.72 4.28
C THR D 115 -19.07 37.80 3.07
N ALA D 116 -18.32 38.14 2.01
CA ALA D 116 -18.22 37.32 0.81
C ALA D 116 -17.58 35.97 1.14
N ILE D 117 -18.37 34.91 1.02
CA ILE D 117 -18.00 33.59 1.51
C ILE D 117 -17.95 32.62 0.34
N ARG D 118 -17.34 31.45 0.59
CA ARG D 118 -17.34 30.42 -0.43
C ARG D 118 -18.70 29.75 -0.47
N VAL D 119 -19.18 29.50 -1.69
CA VAL D 119 -20.51 28.96 -1.93
C VAL D 119 -20.35 27.87 -2.99
N PHE D 120 -20.67 26.64 -2.62
CA PHE D 120 -20.57 25.50 -3.54
C PHE D 120 -21.65 24.49 -3.18
N ALA D 121 -21.53 23.29 -3.75
CA ALA D 121 -22.45 22.19 -3.51
C ALA D 121 -21.78 20.89 -3.97
N ILE D 122 -22.32 19.78 -3.50
CA ILE D 122 -21.89 18.49 -4.04
C ILE D 122 -22.72 18.26 -5.30
N PRO D 123 -22.25 17.51 -6.27
CA PRO D 123 -23.08 17.12 -7.40
C PRO D 123 -24.03 16.01 -6.99
N PRO D 124 -25.07 15.73 -7.78
CA PRO D 124 -25.91 14.57 -7.47
C PRO D 124 -25.17 13.26 -7.72
N SER D 125 -24.83 12.56 -6.65
CA SER D 125 -24.00 11.38 -6.76
C SER D 125 -24.80 10.20 -7.28
N PHE D 126 -24.14 9.37 -8.09
CA PHE D 126 -24.78 8.23 -8.71
C PHE D 126 -25.21 7.18 -7.69
N ALA D 127 -24.56 7.15 -6.53
CA ALA D 127 -24.97 6.24 -5.49
C ALA D 127 -26.28 6.69 -4.85
N SER D 128 -26.40 7.99 -4.56
CA SER D 128 -27.55 8.47 -3.81
C SER D 128 -28.80 8.51 -4.67
N ILE D 129 -28.70 9.13 -5.85
CA ILE D 129 -29.88 9.40 -6.65
C ILE D 129 -30.43 8.15 -7.32
N PHE D 130 -29.71 7.04 -7.28
CA PHE D 130 -30.28 5.79 -7.73
C PHE D 130 -31.35 5.28 -6.79
N LEU D 131 -31.21 5.55 -5.48
CA LEU D 131 -32.13 4.97 -4.51
C LEU D 131 -33.52 5.60 -4.58
N THR D 132 -33.59 6.89 -4.88
CA THR D 132 -34.86 7.59 -4.81
C THR D 132 -35.32 8.16 -6.15
N LYS D 133 -34.48 8.10 -7.19
CA LYS D 133 -34.74 8.68 -8.53
C LYS D 133 -35.05 10.17 -8.43
N SER D 134 -34.36 10.86 -7.53
CA SER D 134 -34.77 12.17 -7.05
C SER D 134 -33.57 13.11 -7.04
N THR D 135 -32.92 13.23 -8.19
CA THR D 135 -31.71 14.05 -8.33
C THR D 135 -31.92 15.49 -7.87
N LYS D 136 -31.19 15.83 -6.81
CA LYS D 136 -31.24 17.14 -6.19
C LYS D 136 -29.83 17.52 -5.79
N LEU D 137 -29.70 18.66 -5.13
CA LEU D 137 -28.38 19.20 -4.85
C LEU D 137 -28.50 20.18 -3.69
N THR D 138 -27.47 20.20 -2.86
CA THR D 138 -27.52 20.90 -1.59
C THR D 138 -26.37 21.89 -1.51
N CYS D 139 -26.71 23.18 -1.50
CA CYS D 139 -25.72 24.26 -1.54
C CYS D 139 -25.00 24.36 -0.20
N LEU D 140 -23.72 23.99 -0.18
CA LEU D 140 -22.92 24.08 1.02
C LEU D 140 -22.46 25.52 1.21
N VAL D 141 -22.87 26.14 2.32
CA VAL D 141 -22.53 27.53 2.62
C VAL D 141 -22.12 27.61 4.08
N THR D 142 -20.87 28.01 4.32
CA THR D 142 -20.37 28.46 5.62
C THR D 142 -19.74 29.84 5.43
N ASP D 143 -19.01 30.28 6.46
CA ASP D 143 -18.36 31.60 6.54
C ASP D 143 -19.41 32.73 6.42
N LEU D 144 -20.60 32.45 6.95
CA LEU D 144 -21.73 33.37 7.01
C LEU D 144 -22.58 33.02 8.21
N THR D 145 -23.18 34.04 8.83
CA THR D 145 -24.02 33.83 10.00
C THR D 145 -25.48 34.17 9.65
N THR D 146 -26.35 34.10 10.65
CA THR D 146 -27.79 34.27 10.47
C THR D 146 -28.11 35.75 10.35
N TYR D 147 -28.16 36.24 9.12
CA TYR D 147 -28.74 37.55 8.84
C TYR D 147 -30.14 37.36 8.27
N ASP D 148 -30.72 38.44 7.79
CA ASP D 148 -32.04 38.39 7.15
C ASP D 148 -31.90 38.20 5.65
N SER D 149 -32.88 37.51 5.07
CA SER D 149 -33.01 37.29 3.62
C SER D 149 -31.82 36.53 3.06
N VAL D 150 -31.32 35.56 3.82
CA VAL D 150 -30.23 34.70 3.37
C VAL D 150 -30.81 33.75 2.32
N THR D 151 -30.50 34.01 1.06
CA THR D 151 -31.20 33.38 -0.05
C THR D 151 -30.34 32.30 -0.69
N ILE D 152 -30.94 31.14 -0.94
CA ILE D 152 -30.36 30.11 -1.78
C ILE D 152 -31.17 30.08 -3.07
N SER D 153 -30.62 30.66 -4.13
CA SER D 153 -31.32 30.79 -5.41
C SER D 153 -30.52 30.06 -6.47
N TRP D 154 -30.87 28.80 -6.71
CA TRP D 154 -30.26 28.04 -7.80
C TRP D 154 -30.76 28.54 -9.14
N THR D 155 -30.03 29.46 -9.74
CA THR D 155 -30.34 29.86 -11.10
C THR D 155 -29.98 28.75 -12.07
N ARG D 156 -30.72 28.69 -13.15
CA ARG D 156 -30.53 27.69 -14.19
C ARG D 156 -29.53 28.26 -15.20
N GLN D 157 -29.49 27.71 -16.43
CA GLN D 157 -28.66 28.22 -17.52
C GLN D 157 -28.87 29.72 -17.76
N ASN D 158 -30.12 30.19 -17.69
CA ASN D 158 -30.41 31.62 -17.78
C ASN D 158 -31.40 32.04 -16.71
N GLY D 159 -31.12 31.65 -15.47
CA GLY D 159 -31.81 32.21 -14.31
C GLY D 159 -33.23 31.74 -14.05
N GLU D 160 -33.39 30.46 -13.68
CA GLU D 160 -34.73 29.95 -13.39
C GLU D 160 -34.86 29.33 -12.01
N ALA D 161 -35.93 28.57 -11.82
CA ALA D 161 -36.58 28.36 -10.54
C ALA D 161 -35.71 27.58 -9.56
N VAL D 162 -36.13 27.66 -8.29
CA VAL D 162 -35.45 27.03 -7.17
C VAL D 162 -36.48 26.83 -6.05
N LYS D 163 -36.48 25.64 -5.45
CA LYS D 163 -37.27 25.42 -4.26
C LYS D 163 -36.53 26.02 -3.07
N THR D 164 -37.26 26.77 -2.25
CA THR D 164 -36.66 27.39 -1.08
C THR D 164 -36.46 26.35 0.01
N HIS D 165 -35.24 26.27 0.52
CA HIS D 165 -34.89 25.21 1.45
C HIS D 165 -35.51 25.44 2.82
N THR D 166 -35.66 24.35 3.56
CA THR D 166 -36.13 24.40 4.94
C THR D 166 -35.14 23.69 5.83
N ASN D 167 -35.53 23.46 7.10
CA ASN D 167 -34.78 22.67 8.09
C ASN D 167 -33.39 23.24 8.33
N ILE D 168 -33.36 24.46 8.83
CA ILE D 168 -32.11 25.15 9.13
C ILE D 168 -31.62 24.73 10.50
N SER D 169 -30.31 24.81 10.70
CA SER D 169 -29.64 24.38 11.92
C SER D 169 -29.55 25.56 12.89
N GLU D 170 -28.69 25.44 13.90
CA GLU D 170 -28.19 26.60 14.63
C GLU D 170 -26.81 26.98 14.08
N SER D 171 -26.20 27.99 14.69
CA SER D 171 -24.90 28.44 14.22
C SER D 171 -23.79 27.50 14.69
N HIS D 172 -22.67 27.53 13.96
CA HIS D 172 -21.52 26.67 14.23
C HIS D 172 -20.78 27.22 15.45
N PRO D 173 -19.96 26.40 16.10
CA PRO D 173 -19.09 26.94 17.17
C PRO D 173 -18.10 28.02 16.72
N ASN D 174 -17.75 28.13 15.43
CA ASN D 174 -16.94 29.25 14.98
C ASN D 174 -17.79 30.36 14.35
N ALA D 175 -19.01 30.55 14.85
CA ALA D 175 -19.97 31.62 14.58
C ALA D 175 -20.54 31.62 13.17
N THR D 176 -20.15 30.72 12.27
CA THR D 176 -20.80 30.68 10.98
C THR D 176 -22.08 29.86 11.07
N PHE D 177 -22.83 29.82 9.98
CA PHE D 177 -24.11 29.15 9.94
C PHE D 177 -24.24 28.33 8.67
N SER D 178 -24.81 27.13 8.80
CA SER D 178 -25.01 26.24 7.68
C SER D 178 -26.29 26.63 6.95
N ALA D 179 -26.16 27.45 5.92
CA ALA D 179 -27.27 27.74 5.02
C ALA D 179 -27.53 26.49 4.18
N VAL D 180 -28.43 25.64 4.65
CA VAL D 180 -28.56 24.27 4.12
C VAL D 180 -29.52 24.36 2.95
N GLY D 181 -28.99 24.83 1.81
CA GLY D 181 -29.83 25.15 0.67
C GLY D 181 -30.00 24.05 -0.34
N GLU D 182 -31.15 23.38 -0.31
CA GLU D 182 -31.42 22.29 -1.22
C GLU D 182 -32.46 22.70 -2.25
N ALA D 183 -32.50 21.94 -3.34
CA ALA D 183 -33.48 22.12 -4.40
C ALA D 183 -33.50 20.85 -5.25
N SER D 184 -34.70 20.34 -5.54
CA SER D 184 -34.82 19.25 -6.49
C SER D 184 -34.96 19.79 -7.90
N ILE D 185 -34.29 19.13 -8.84
CA ILE D 185 -34.27 19.56 -10.23
C ILE D 185 -34.90 18.50 -11.10
N CYS D 186 -34.90 18.72 -12.42
CA CYS D 186 -35.36 17.74 -13.38
C CYS D 186 -34.42 16.53 -13.40
N GLU D 187 -34.80 15.52 -14.17
CA GLU D 187 -34.10 14.24 -14.10
C GLU D 187 -33.01 14.09 -15.15
N ASP D 188 -33.13 14.72 -16.31
CA ASP D 188 -32.13 14.56 -17.35
C ASP D 188 -31.28 15.80 -17.58
N ASP D 189 -31.52 16.87 -16.83
CA ASP D 189 -30.77 18.11 -17.02
C ASP D 189 -29.31 17.95 -16.59
N TRP D 190 -29.08 17.40 -15.39
CA TRP D 190 -27.73 17.07 -14.97
C TRP D 190 -27.18 15.90 -15.78
N ASN D 191 -28.07 15.01 -16.24
CA ASN D 191 -27.65 13.97 -17.15
C ASN D 191 -27.27 14.56 -18.51
N SER D 192 -27.86 15.69 -18.88
CA SER D 192 -27.35 16.47 -19.99
C SER D 192 -26.31 17.50 -19.56
N GLY D 193 -26.06 17.63 -18.25
CA GLY D 193 -25.00 18.48 -17.75
C GLY D 193 -25.27 19.96 -17.85
N GLU D 194 -26.23 20.45 -17.08
CA GLU D 194 -26.58 21.87 -17.14
C GLU D 194 -25.78 22.68 -16.14
N ARG D 195 -25.76 23.99 -16.38
CA ARG D 195 -24.95 24.92 -15.60
C ARG D 195 -25.80 25.45 -14.44
N PHE D 196 -25.44 25.07 -13.21
CA PHE D 196 -26.25 25.37 -12.03
C PHE D 196 -25.43 26.14 -11.00
N THR D 197 -25.73 27.44 -10.88
CA THR D 197 -25.05 28.33 -9.94
C THR D 197 -25.91 28.55 -8.71
N CYS D 198 -25.32 28.38 -7.53
CA CYS D 198 -25.98 28.71 -6.27
C CYS D 198 -25.79 30.20 -6.03
N THR D 199 -26.58 30.99 -6.76
CA THR D 199 -26.59 32.43 -6.54
C THR D 199 -27.21 32.74 -5.19
N VAL D 200 -26.51 33.52 -4.38
CA VAL D 200 -26.93 33.79 -3.02
C VAL D 200 -27.17 35.28 -2.85
N THR D 201 -27.92 35.61 -1.80
CA THR D 201 -28.19 36.98 -1.42
C THR D 201 -28.16 37.06 0.09
N HIS D 202 -27.44 38.04 0.62
CA HIS D 202 -27.21 38.16 2.05
C HIS D 202 -27.35 39.62 2.41
N THR D 203 -27.48 39.90 3.72
CA THR D 203 -27.79 41.25 4.15
C THR D 203 -26.58 42.17 4.03
N ASP D 204 -25.42 41.72 4.49
CA ASP D 204 -24.25 42.60 4.54
C ASP D 204 -23.63 42.77 3.16
N LEU D 205 -23.19 41.66 2.55
CA LEU D 205 -22.83 41.64 1.13
C LEU D 205 -23.73 40.65 0.41
N PRO D 206 -24.56 41.09 -0.53
CA PRO D 206 -25.48 40.18 -1.21
C PRO D 206 -24.87 39.49 -2.43
N SER D 207 -23.54 39.45 -2.51
CA SER D 207 -22.79 38.99 -3.68
C SER D 207 -23.07 37.53 -4.00
N PRO D 208 -23.67 37.21 -5.16
CA PRO D 208 -23.93 35.81 -5.52
C PRO D 208 -22.67 35.17 -6.08
N LEU D 209 -22.07 34.27 -5.31
CA LEU D 209 -20.93 33.51 -5.80
C LEU D 209 -21.47 32.38 -6.68
N LYS D 210 -21.25 32.49 -7.98
CA LYS D 210 -21.82 31.57 -8.95
C LYS D 210 -20.87 30.40 -9.20
N GLN D 211 -21.44 29.28 -9.62
CA GLN D 211 -20.70 28.03 -9.81
C GLN D 211 -21.15 27.44 -11.13
N THR D 212 -20.35 27.64 -12.18
CA THR D 212 -20.66 27.06 -13.49
C THR D 212 -20.26 25.58 -13.50
N ILE D 213 -21.04 24.79 -12.77
CA ILE D 213 -20.76 23.38 -12.55
C ILE D 213 -21.80 22.55 -13.28
N SER D 214 -21.32 21.59 -14.06
CA SER D 214 -22.19 20.68 -14.80
C SER D 214 -21.65 19.26 -14.68
N ARG D 215 -22.20 18.35 -15.46
CA ARG D 215 -21.70 16.99 -15.46
C ARG D 215 -20.38 16.95 -16.20
N PRO D 216 -19.34 16.35 -15.64
CA PRO D 216 -18.02 16.38 -16.26
C PRO D 216 -17.95 15.50 -17.50
N LYS D 217 -18.28 16.10 -18.65
CA LYS D 217 -18.18 15.45 -19.94
C LYS D 217 -16.81 14.83 -20.16
N GLY D 218 -16.79 13.55 -20.55
CA GLY D 218 -15.59 12.77 -20.36
C GLY D 218 -15.77 11.26 -20.39
N VAL D 219 -15.34 10.62 -19.30
CA VAL D 219 -14.88 9.24 -19.26
C VAL D 219 -15.90 8.25 -19.82
N ALA D 220 -15.40 7.26 -20.55
CA ALA D 220 -16.22 6.33 -21.32
C ALA D 220 -16.82 5.25 -20.41
N LEU D 221 -17.31 4.17 -21.03
CA LEU D 221 -18.22 3.26 -20.38
C LEU D 221 -17.72 1.82 -20.51
N HIS D 222 -17.78 1.08 -19.41
CA HIS D 222 -17.44 -0.34 -19.39
C HIS D 222 -18.29 -1.04 -18.35
N ARG D 223 -18.83 -2.20 -18.70
CA ARG D 223 -19.56 -2.98 -17.72
C ARG D 223 -18.59 -3.60 -16.72
N PRO D 224 -18.78 -3.41 -15.43
CA PRO D 224 -18.00 -4.17 -14.45
C PRO D 224 -18.45 -5.61 -14.46
N ASP D 225 -17.54 -6.48 -14.08
CA ASP D 225 -17.89 -7.88 -13.86
C ASP D 225 -17.77 -8.18 -12.39
N VAL D 226 -18.58 -9.12 -11.91
CA VAL D 226 -18.75 -9.37 -10.50
C VAL D 226 -18.38 -10.82 -10.23
N TYR D 227 -17.32 -11.02 -9.46
CA TYR D 227 -16.77 -12.35 -9.21
C TYR D 227 -16.80 -12.59 -7.71
N LEU D 228 -17.85 -13.25 -7.24
CA LEU D 228 -17.94 -13.54 -5.82
C LEU D 228 -16.94 -14.64 -5.45
N LEU D 229 -16.19 -14.45 -4.34
CA LEU D 229 -15.21 -15.46 -3.92
C LEU D 229 -15.66 -16.15 -2.65
N PRO D 230 -15.51 -17.48 -2.57
CA PRO D 230 -15.91 -18.22 -1.38
C PRO D 230 -14.79 -18.21 -0.35
N PRO D 231 -15.07 -18.54 0.91
CA PRO D 231 -14.03 -18.37 1.94
C PRO D 231 -12.86 -19.34 1.88
N ALA D 232 -11.96 -19.25 2.86
CA ALA D 232 -10.72 -20.02 2.88
C ALA D 232 -10.84 -21.20 3.80
N ARG D 233 -10.11 -22.27 3.46
CA ARG D 233 -10.31 -23.53 4.15
C ARG D 233 -9.66 -23.54 5.53
N GLU D 234 -8.50 -22.89 5.67
CA GLU D 234 -7.89 -22.75 6.99
C GLU D 234 -8.75 -21.89 7.90
N GLN D 235 -9.49 -20.96 7.32
CA GLN D 235 -10.30 -20.02 8.08
C GLN D 235 -11.47 -20.74 8.73
N LEU D 236 -12.15 -21.59 7.98
CA LEU D 236 -13.16 -22.44 8.59
C LEU D 236 -12.57 -23.56 9.40
N ASN D 237 -11.30 -23.88 9.19
CA ASN D 237 -10.65 -24.84 10.07
C ASN D 237 -10.42 -24.24 11.44
N LEU D 238 -10.25 -22.92 11.50
CA LEU D 238 -10.31 -22.22 12.79
C LEU D 238 -11.71 -22.29 13.39
N ARG D 239 -12.73 -22.43 12.54
CA ARG D 239 -14.17 -22.44 12.85
C ARG D 239 -14.55 -21.38 13.89
N GLU D 240 -14.23 -20.14 13.53
CA GLU D 240 -14.62 -18.96 14.28
C GLU D 240 -15.60 -18.08 13.51
N SER D 241 -15.17 -17.58 12.35
CA SER D 241 -15.92 -16.61 11.56
C SER D 241 -15.28 -16.52 10.20
N ALA D 242 -16.09 -16.44 9.17
CA ALA D 242 -15.59 -16.46 7.81
C ALA D 242 -15.72 -15.08 7.18
N THR D 243 -15.28 -14.97 5.93
CA THR D 243 -15.24 -13.71 5.19
C THR D 243 -15.56 -13.97 3.73
N ILE D 244 -16.82 -13.81 3.35
CA ILE D 244 -17.18 -13.79 1.94
C ILE D 244 -16.64 -12.48 1.35
N THR D 245 -16.32 -12.49 0.06
CA THR D 245 -15.89 -11.24 -0.57
C THR D 245 -16.44 -11.10 -1.98
N CYS D 246 -17.13 -9.98 -2.23
CA CYS D 246 -17.67 -9.63 -3.53
C CYS D 246 -16.73 -8.62 -4.16
N LEU D 247 -16.29 -8.88 -5.38
CA LEU D 247 -15.21 -8.11 -5.98
C LEU D 247 -15.63 -7.66 -7.37
N VAL D 248 -15.42 -6.38 -7.67
CA VAL D 248 -15.74 -5.85 -8.98
C VAL D 248 -14.45 -5.36 -9.64
N THR D 249 -14.44 -5.36 -10.97
CA THR D 249 -13.27 -4.94 -11.73
C THR D 249 -13.67 -4.17 -12.98
N GLY D 250 -12.89 -3.14 -13.30
CA GLY D 250 -12.81 -2.63 -14.65
C GLY D 250 -13.84 -1.61 -15.07
N PHE D 251 -14.70 -1.15 -14.17
CA PHE D 251 -15.78 -0.26 -14.52
C PHE D 251 -15.26 1.14 -14.84
N SER D 252 -16.11 1.92 -15.49
CA SER D 252 -15.75 3.23 -16.00
C SER D 252 -16.98 4.10 -16.18
N PRO D 253 -17.08 5.25 -15.49
CA PRO D 253 -16.11 5.85 -14.59
C PRO D 253 -16.27 5.30 -13.20
N ALA D 254 -15.83 6.06 -12.21
CA ALA D 254 -15.89 5.63 -10.83
C ALA D 254 -17.29 5.81 -10.25
N ASP D 255 -17.38 5.76 -8.93
CA ASP D 255 -18.62 5.90 -8.14
C ASP D 255 -19.61 4.78 -8.45
N VAL D 256 -19.23 3.58 -8.02
CA VAL D 256 -20.09 2.42 -8.06
C VAL D 256 -20.63 2.21 -6.65
N PHE D 257 -21.67 1.40 -6.51
CA PHE D 257 -22.47 1.35 -5.29
C PHE D 257 -22.95 -0.08 -5.05
N VAL D 258 -22.52 -0.69 -3.95
CA VAL D 258 -22.89 -2.07 -3.65
C VAL D 258 -23.59 -2.13 -2.30
N GLN D 259 -24.29 -3.24 -2.08
CA GLN D 259 -25.00 -3.57 -0.86
C GLN D 259 -25.38 -5.05 -0.91
N TRP D 260 -25.25 -5.73 0.21
CA TRP D 260 -25.56 -7.15 0.19
C TRP D 260 -27.06 -7.37 0.21
N MET D 261 -27.44 -8.64 0.06
CA MET D 261 -28.85 -9.00 0.10
C MET D 261 -28.95 -10.50 0.38
N GLN D 262 -29.94 -10.87 1.22
CA GLN D 262 -30.32 -12.26 1.40
C GLN D 262 -31.77 -12.30 1.88
N ARG D 263 -32.54 -13.20 1.26
CA ARG D 263 -34.00 -13.36 1.44
C ARG D 263 -34.80 -12.11 1.09
N GLY D 264 -34.21 -11.14 0.40
CA GLY D 264 -34.90 -9.92 0.04
C GLY D 264 -34.76 -8.79 1.05
N GLN D 265 -34.58 -9.10 2.33
CA GLN D 265 -34.38 -8.02 3.27
C GLN D 265 -32.92 -7.56 3.25
N PRO D 266 -32.67 -6.28 3.51
CA PRO D 266 -31.29 -5.80 3.51
C PRO D 266 -30.57 -6.19 4.80
N LEU D 267 -29.26 -6.07 4.75
CA LEU D 267 -28.41 -6.31 5.90
C LEU D 267 -28.16 -4.99 6.62
N SER D 268 -27.57 -5.06 7.80
CA SER D 268 -27.27 -3.82 8.49
C SER D 268 -26.04 -3.15 7.87
N PRO D 269 -26.07 -1.82 7.74
CA PRO D 269 -24.89 -1.12 7.17
C PRO D 269 -23.66 -1.19 8.04
N GLU D 270 -23.81 -1.48 9.34
CA GLU D 270 -22.63 -1.65 10.17
C GLU D 270 -21.96 -2.99 9.96
N LYS D 271 -22.64 -3.95 9.34
CA LYS D 271 -22.05 -5.26 9.11
C LYS D 271 -20.96 -5.20 8.06
N TYR D 272 -21.31 -4.77 6.86
CA TYR D 272 -20.47 -4.89 5.69
C TYR D 272 -19.76 -3.57 5.40
N VAL D 273 -18.51 -3.68 4.94
CA VAL D 273 -17.62 -2.54 4.70
C VAL D 273 -17.22 -2.57 3.24
N THR D 274 -17.05 -1.40 2.65
CA THR D 274 -16.53 -1.35 1.29
C THR D 274 -15.31 -0.45 1.22
N SER D 275 -14.83 -0.14 0.02
CA SER D 275 -13.72 0.78 -0.14
C SER D 275 -13.96 1.70 -1.32
N ALA D 276 -13.23 2.81 -1.33
CA ALA D 276 -13.24 3.72 -2.45
C ALA D 276 -12.50 3.09 -3.62
N PRO D 277 -12.76 3.55 -4.84
CA PRO D 277 -11.98 3.04 -5.98
C PRO D 277 -10.51 3.42 -5.92
N MET D 278 -9.69 2.54 -6.49
CA MET D 278 -8.26 2.63 -6.67
C MET D 278 -7.95 2.61 -8.16
N PRO D 279 -6.85 3.21 -8.59
CA PRO D 279 -6.51 3.14 -10.01
C PRO D 279 -5.99 1.77 -10.36
N GLU D 280 -6.27 1.36 -11.55
CA GLU D 280 -5.92 0.02 -11.95
C GLU D 280 -4.45 -0.01 -12.37
N PRO D 281 -3.71 -1.06 -12.01
CA PRO D 281 -2.29 -1.13 -12.38
C PRO D 281 -2.01 -1.24 -13.87
N GLN D 282 -2.63 -2.20 -14.54
CA GLN D 282 -2.20 -2.52 -15.91
C GLN D 282 -2.81 -1.56 -16.92
N ALA D 283 -4.12 -1.55 -17.02
CA ALA D 283 -4.85 -0.78 -18.03
C ALA D 283 -4.91 0.69 -17.59
N PRO D 284 -5.44 1.60 -18.44
CA PRO D 284 -5.87 2.90 -17.91
C PRO D 284 -7.09 2.80 -17.01
N GLY D 285 -7.60 3.93 -16.53
CA GLY D 285 -8.29 3.98 -15.26
C GLY D 285 -9.63 3.28 -15.11
N ARG D 286 -9.64 1.98 -15.36
CA ARG D 286 -10.81 1.12 -15.19
C ARG D 286 -10.69 0.50 -13.81
N TYR D 287 -11.36 1.09 -12.83
CA TYR D 287 -11.02 0.88 -11.42
C TYR D 287 -11.58 -0.44 -10.93
N PHE D 288 -11.38 -0.71 -9.65
CA PHE D 288 -11.88 -1.94 -9.05
C PHE D 288 -12.26 -1.64 -7.61
N ALA D 289 -13.10 -2.50 -7.05
CA ALA D 289 -13.50 -2.33 -5.65
C ALA D 289 -13.87 -3.66 -5.06
N HIS D 290 -13.91 -3.69 -3.73
CA HIS D 290 -14.11 -4.92 -2.99
C HIS D 290 -15.01 -4.66 -1.81
N SER D 291 -15.49 -5.73 -1.17
CA SER D 291 -16.36 -5.61 -0.01
C SER D 291 -16.29 -6.89 0.79
N ILE D 292 -16.05 -6.79 2.10
CA ILE D 292 -15.92 -7.96 2.95
C ILE D 292 -17.05 -7.97 3.95
N LEU D 293 -17.46 -9.16 4.34
CA LEU D 293 -18.70 -9.39 5.07
C LEU D 293 -18.50 -10.54 6.01
N THR D 294 -18.56 -10.28 7.31
CA THR D 294 -18.40 -11.38 8.23
C THR D 294 -19.71 -12.13 8.40
N VAL D 295 -19.62 -13.32 8.98
CA VAL D 295 -20.77 -14.15 9.34
C VAL D 295 -20.48 -14.82 10.67
N SER D 296 -21.46 -15.58 11.14
CA SER D 296 -21.18 -16.70 12.02
C SER D 296 -20.88 -17.91 11.15
N GLU D 297 -19.91 -18.72 11.59
CA GLU D 297 -19.63 -19.91 10.79
C GLU D 297 -20.70 -20.96 11.00
N GLU D 298 -21.29 -21.00 12.20
CA GLU D 298 -22.45 -21.84 12.45
C GLU D 298 -23.65 -21.37 11.64
N GLU D 299 -23.68 -20.09 11.28
CA GLU D 299 -24.64 -19.67 10.27
C GLU D 299 -24.24 -20.19 8.90
N TRP D 300 -22.94 -20.24 8.60
CA TRP D 300 -22.53 -20.49 7.23
C TRP D 300 -22.60 -21.95 6.84
N ASN D 301 -22.55 -22.87 7.80
CA ASN D 301 -22.47 -24.29 7.47
C ASN D 301 -23.83 -24.95 7.28
N THR D 302 -24.84 -24.18 6.86
CA THR D 302 -26.20 -24.67 6.70
C THR D 302 -26.73 -24.52 5.28
N GLY D 303 -26.48 -23.36 4.65
CA GLY D 303 -27.17 -22.96 3.44
C GLY D 303 -27.04 -21.45 3.35
N GLU D 304 -28.17 -20.75 3.23
CA GLU D 304 -28.27 -19.28 3.29
C GLU D 304 -27.57 -18.53 2.17
N THR D 305 -28.22 -18.55 1.00
CA THR D 305 -27.80 -18.13 -0.34
C THR D 305 -26.88 -16.92 -0.50
N TYR D 306 -27.11 -15.80 0.23
CA TYR D 306 -26.16 -14.67 0.31
C TYR D 306 -25.82 -13.97 -1.00
N THR D 307 -26.70 -13.15 -1.57
CA THR D 307 -26.34 -12.59 -2.86
C THR D 307 -25.77 -11.17 -2.77
N CYS D 308 -25.14 -10.75 -3.88
CA CYS D 308 -24.49 -9.45 -4.05
C CYS D 308 -25.16 -8.72 -5.23
N VAL D 309 -25.20 -7.38 -5.17
CA VAL D 309 -25.69 -6.56 -6.28
C VAL D 309 -24.67 -5.48 -6.61
N VAL D 310 -25.01 -4.66 -7.59
CA VAL D 310 -24.06 -3.70 -8.15
C VAL D 310 -24.87 -2.60 -8.82
N ALA D 311 -24.23 -1.45 -9.04
CA ALA D 311 -24.94 -0.31 -9.61
C ALA D 311 -23.96 0.55 -10.41
N HIS D 312 -24.05 0.45 -11.74
CA HIS D 312 -23.22 1.24 -12.64
C HIS D 312 -24.10 1.81 -13.75
N GLU D 313 -23.65 2.91 -14.34
CA GLU D 313 -24.31 3.44 -15.53
C GLU D 313 -24.25 2.47 -16.69
N ALA D 314 -23.20 1.65 -16.76
CA ALA D 314 -23.02 0.78 -17.92
C ALA D 314 -24.01 -0.37 -17.92
N LEU D 315 -24.48 -0.75 -16.76
CA LEU D 315 -25.39 -1.87 -16.67
C LEU D 315 -26.78 -1.42 -17.11
N PRO D 316 -27.42 -2.11 -18.06
CA PRO D 316 -28.68 -1.60 -18.63
C PRO D 316 -29.83 -1.60 -17.65
N ASN D 317 -29.93 -2.62 -16.81
CA ASN D 317 -30.99 -2.67 -15.82
C ASN D 317 -30.50 -2.21 -14.46
N ARG D 318 -29.23 -1.82 -14.35
CA ARG D 318 -28.56 -1.27 -13.17
C ARG D 318 -28.52 -2.22 -11.98
N VAL D 319 -28.93 -3.47 -12.14
CA VAL D 319 -28.93 -4.46 -11.07
C VAL D 319 -28.52 -5.80 -11.67
N THR D 320 -27.51 -6.44 -11.08
CA THR D 320 -27.17 -7.82 -11.39
C THR D 320 -27.05 -8.55 -10.06
N GLU D 321 -27.53 -9.78 -10.02
CA GLU D 321 -27.40 -10.61 -8.83
C GLU D 321 -26.46 -11.76 -9.12
N ARG D 322 -25.55 -12.02 -8.20
CA ARG D 322 -24.80 -13.27 -8.18
C ARG D 322 -24.85 -13.82 -6.78
N THR D 323 -24.75 -15.14 -6.67
CA THR D 323 -24.64 -15.79 -5.37
C THR D 323 -24.03 -17.17 -5.50
N VAL D 324 -23.16 -17.50 -4.56
CA VAL D 324 -22.71 -18.86 -4.31
C VAL D 324 -22.75 -19.03 -2.79
N ASP D 325 -23.02 -20.25 -2.34
CA ASP D 325 -23.47 -20.41 -0.96
C ASP D 325 -22.54 -21.24 -0.09
N LYS D 326 -22.48 -22.55 -0.29
CA LYS D 326 -21.65 -23.38 0.55
C LYS D 326 -21.08 -24.54 -0.25
N SER D 327 -21.69 -24.85 -1.39
CA SER D 327 -21.27 -26.02 -2.16
C SER D 327 -21.29 -25.66 -3.65
N THR D 328 -20.17 -25.12 -4.12
CA THR D 328 -19.97 -24.76 -5.53
C THR D 328 -18.56 -25.15 -5.95
N GLU D 329 -18.20 -26.43 -5.74
CA GLU D 329 -16.83 -26.93 -5.81
C GLU D 329 -16.16 -26.65 -7.16
N GLY D 330 -16.77 -27.10 -8.24
CA GLY D 330 -16.28 -26.74 -9.55
C GLY D 330 -15.07 -27.52 -10.05
N GLU D 331 -15.25 -28.82 -10.32
CA GLU D 331 -14.35 -29.62 -11.16
C GLU D 331 -12.94 -29.72 -10.57
N VAL D 332 -12.86 -30.47 -9.46
CA VAL D 332 -11.57 -30.70 -8.81
C VAL D 332 -10.60 -31.43 -9.74
N SER D 333 -10.98 -32.59 -10.27
CA SER D 333 -10.23 -33.37 -11.25
C SER D 333 -11.12 -34.49 -11.76
N ALA D 334 -10.59 -35.28 -12.69
CA ALA D 334 -11.34 -36.36 -13.31
C ALA D 334 -10.87 -37.75 -12.90
N ASP D 335 -9.58 -37.91 -12.60
CA ASP D 335 -9.09 -39.21 -12.17
C ASP D 335 -9.31 -39.47 -10.69
N GLU D 336 -9.65 -38.43 -9.92
CA GLU D 336 -10.08 -38.65 -8.54
C GLU D 336 -11.51 -39.20 -8.52
N GLU D 337 -12.41 -38.54 -9.24
CA GLU D 337 -13.79 -39.04 -9.32
C GLU D 337 -13.85 -40.37 -10.04
N GLY D 338 -12.98 -40.60 -11.03
CA GLY D 338 -12.85 -41.93 -11.58
C GLY D 338 -12.26 -42.92 -10.59
N PHE D 339 -11.44 -42.43 -9.67
CA PHE D 339 -10.80 -43.31 -8.70
C PHE D 339 -11.81 -43.87 -7.71
N GLU D 340 -12.49 -43.00 -6.96
CA GLU D 340 -13.48 -43.56 -6.04
C GLU D 340 -14.74 -44.05 -6.76
N ASN D 341 -14.97 -43.58 -7.99
CA ASN D 341 -15.97 -44.17 -8.86
C ASN D 341 -15.70 -45.67 -9.03
N LEU D 342 -14.47 -46.00 -9.43
CA LEU D 342 -14.12 -47.38 -9.74
C LEU D 342 -14.14 -48.22 -8.48
N TRP D 343 -13.71 -47.64 -7.34
CA TRP D 343 -13.74 -48.41 -6.11
C TRP D 343 -15.17 -48.64 -5.62
N ALA D 344 -16.07 -47.69 -5.88
CA ALA D 344 -17.49 -47.92 -5.60
C ALA D 344 -18.04 -49.08 -6.42
N THR D 345 -17.61 -49.19 -7.68
CA THR D 345 -18.04 -50.33 -8.49
C THR D 345 -17.52 -51.65 -7.92
N ALA D 346 -16.28 -51.66 -7.44
CA ALA D 346 -15.74 -52.91 -6.93
C ALA D 346 -16.44 -53.35 -5.64
N SER D 347 -16.79 -52.39 -4.78
CA SER D 347 -17.57 -52.72 -3.59
C SER D 347 -18.95 -53.26 -3.96
N THR D 348 -19.54 -52.71 -5.03
CA THR D 348 -20.84 -53.18 -5.52
C THR D 348 -20.77 -54.63 -5.98
N PHE D 349 -19.73 -55.00 -6.74
CA PHE D 349 -19.60 -56.40 -7.13
C PHE D 349 -19.31 -57.32 -5.95
N ILE D 350 -18.64 -56.81 -4.92
CA ILE D 350 -18.39 -57.64 -3.73
C ILE D 350 -19.70 -58.02 -3.06
N VAL D 351 -20.56 -57.03 -2.78
CA VAL D 351 -21.80 -57.37 -2.08
C VAL D 351 -22.75 -58.16 -2.99
N LEU D 352 -22.62 -57.99 -4.30
CA LEU D 352 -23.40 -58.82 -5.20
C LEU D 352 -22.88 -60.26 -5.21
N PHE D 353 -21.59 -60.47 -4.95
CA PHE D 353 -21.10 -61.83 -4.76
C PHE D 353 -21.63 -62.47 -3.50
N LEU D 354 -21.61 -61.72 -2.40
CA LEU D 354 -22.09 -62.30 -1.14
C LEU D 354 -23.57 -62.64 -1.22
N LEU D 355 -24.35 -61.84 -1.93
CA LEU D 355 -25.74 -62.22 -2.17
C LEU D 355 -25.83 -63.42 -3.10
N SER D 356 -24.90 -63.53 -4.06
CA SER D 356 -24.94 -64.63 -5.02
C SER D 356 -24.68 -65.98 -4.35
N LEU D 357 -23.70 -66.03 -3.44
CA LEU D 357 -23.46 -67.29 -2.76
C LEU D 357 -24.39 -67.47 -1.57
N PHE D 358 -25.04 -66.41 -1.09
CA PHE D 358 -26.24 -66.59 -0.28
C PHE D 358 -27.29 -67.40 -1.02
N TYR D 359 -27.47 -67.10 -2.31
CA TYR D 359 -28.48 -67.81 -3.09
C TYR D 359 -28.05 -69.24 -3.41
N SER D 360 -26.81 -69.43 -3.83
CA SER D 360 -26.34 -70.76 -4.21
C SER D 360 -26.10 -71.67 -3.01
N THR D 361 -25.91 -71.14 -1.81
CA THR D 361 -26.00 -71.98 -0.63
C THR D 361 -27.43 -72.07 -0.09
N THR D 362 -28.30 -71.16 -0.50
CA THR D 362 -29.70 -71.19 -0.07
C THR D 362 -30.46 -72.32 -0.74
N VAL D 363 -30.28 -72.48 -2.05
CA VAL D 363 -31.01 -73.50 -2.80
C VAL D 363 -30.57 -74.90 -2.41
N THR D 364 -29.25 -75.10 -2.26
CA THR D 364 -28.75 -76.39 -1.81
C THR D 364 -29.08 -76.62 -0.33
N LEU D 365 -29.02 -75.56 0.47
CA LEU D 365 -29.22 -75.69 1.91
C LEU D 365 -30.68 -75.95 2.26
N PHE D 366 -31.62 -75.55 1.40
CA PHE D 366 -33.05 -75.67 1.69
C PHE D 366 -33.66 -76.94 1.13
N LYS D 367 -32.91 -78.04 1.12
CA LYS D 367 -33.42 -79.34 0.66
C LYS D 367 -34.47 -79.86 1.64
#